data_7C7U
#
_entry.id   7C7U
#
_cell.length_a   51.737
_cell.length_b   167.726
_cell.length_c   89.316
_cell.angle_alpha   90.000
_cell.angle_beta   90.000
_cell.angle_gamma   90.000
#
_symmetry.space_group_name_H-M   'P 1 21 1'
#
loop_
_entity.id
_entity.type
_entity.pdbx_description
1 polymer 'Biofilm-associated surface protein'
2 non-polymer 'CALCIUM ION'
3 water water
#
_entity_poly.entity_id   1
_entity_poly.type   'polypeptide(L)'
_entity_poly.pdbx_seq_one_letter_code
;MGSSHHHHHHSSGLVPRGSHMKSLGYTDNYTFASMLFDPGKLDSDDALNSNIIPFDLHSYMSGANSGNRYKIDLKLDPII
AEHVTKISANPSGSNKPVEFVRNKDENGNLTDTWEVNFIRANDGLFGGAEILSQYTAKNGKIELDDTVGNIISNAGNLSN
NKLNHQVFVRDSRENKIVRTSESSGYFLTKADDDLVNLENNVSTENNNAFKASSGSATYNENVGEFGGILIDQQIMKNGI
FSYSKTKANQWAYNYQIDKDLLPYIEGVELHQYDYKGLNGFDKNYDAKNKVADLTIDEVGNGTITSDNLNKLIEFNNALP
ETVGVRVVLKLNKSVNNILTKDAKYDSEGNLIRETTKQKEDFTFAGYLTDSKGALINNTLGTSTLALQDYDKDGLLDRYE
RQLSLSDAENEDTDGDGKNDGDEVVNYKTSPLVGKPQAADITTEDTVVSGSVPLKEGAATQTAKVINAEGTTVGTATVNS
DGTFSVSIPNSPEGTYTIAIDSPNYDNDEVNTFEIVDNSKLPAPSINPVDDNDQQIVVNGTSGSTVTVTDSNNNVLGTVT
IPADDTSAAINVDTPLEAGTVLTSTASKDGKTSDVSDQITVTDATAP
;
_entity_poly.pdbx_strand_id   A,B
#
loop_
_chem_comp.id
_chem_comp.type
_chem_comp.name
_chem_comp.formula
CA non-polymer 'CALCIUM ION' 'Ca 2'
#
# COMPACT_ATOMS: atom_id res chain seq x y z
N LEU A 14 -2.24 18.09 -6.30
CA LEU A 14 -1.82 16.70 -6.14
C LEU A 14 -2.98 15.86 -5.62
N VAL A 15 -2.89 14.56 -5.83
CA VAL A 15 -3.80 13.60 -5.21
C VAL A 15 -3.23 13.25 -3.85
N PRO A 16 -3.96 13.45 -2.76
CA PRO A 16 -3.39 13.24 -1.43
C PRO A 16 -3.33 11.76 -1.06
N ARG A 17 -2.52 11.48 -0.03
CA ARG A 17 -2.38 10.13 0.48
C ARG A 17 -3.72 9.58 0.92
N GLY A 18 -3.86 8.25 0.87
CA GLY A 18 -5.07 7.58 1.29
C GLY A 18 -6.34 7.92 0.54
N SER A 19 -6.24 8.47 -0.66
CA SER A 19 -7.44 8.72 -1.43
C SER A 19 -7.67 7.55 -2.39
N HIS A 20 -8.94 7.27 -2.66
CA HIS A 20 -9.30 6.26 -3.64
C HIS A 20 -10.20 6.85 -4.69
N MET A 21 -10.15 6.25 -5.88
CA MET A 21 -10.85 6.73 -7.05
C MET A 21 -12.13 5.93 -7.24
N LYS A 22 -13.20 6.63 -7.62
CA LYS A 22 -14.40 5.96 -8.06
C LYS A 22 -14.13 5.25 -9.38
N SER A 23 -14.64 4.03 -9.50
CA SER A 23 -14.66 3.32 -10.77
C SER A 23 -15.81 3.84 -11.63
N LEU A 24 -15.73 3.58 -12.93
CA LEU A 24 -16.75 4.01 -13.88
C LEU A 24 -17.56 2.81 -14.34
N GLY A 25 -18.85 3.05 -14.59
CA GLY A 25 -19.69 2.05 -15.22
C GLY A 25 -19.38 1.91 -16.70
N TYR A 26 -20.05 0.96 -17.33
CA TYR A 26 -19.85 0.66 -18.74
C TYR A 26 -21.08 1.06 -19.57
N THR A 27 -20.81 1.46 -20.81
CA THR A 27 -21.83 1.65 -21.84
C THR A 27 -21.36 0.93 -23.10
N ASP A 28 -22.31 0.60 -23.98
CA ASP A 28 -21.98 -0.08 -25.23
C ASP A 28 -22.00 0.89 -26.39
N ASN A 29 -20.99 0.79 -27.24
CA ASN A 29 -20.94 1.48 -28.53
C ASN A 29 -19.98 0.66 -29.38
N TYR A 30 -20.54 -0.17 -30.26
CA TYR A 30 -19.77 -1.14 -31.03
C TYR A 30 -18.93 -0.52 -32.13
N THR A 31 -19.00 0.80 -32.33
CA THR A 31 -18.17 1.41 -33.37
C THR A 31 -16.73 1.63 -32.92
N PHE A 32 -16.45 1.54 -31.61
CA PHE A 32 -15.09 1.73 -31.10
C PHE A 32 -14.41 0.38 -30.91
N ALA A 33 -13.31 0.18 -31.61
CA ALA A 33 -12.48 -0.99 -31.36
C ALA A 33 -11.62 -0.77 -30.10
N SER A 34 -10.89 -1.80 -29.71
CA SER A 34 -10.03 -1.68 -28.54
C SER A 34 -8.85 -0.77 -28.85
N MET A 35 -8.54 0.11 -27.91
CA MET A 35 -7.37 0.95 -28.01
C MET A 35 -6.20 0.22 -27.41
N LEU A 36 -4.99 0.50 -27.92
CA LEU A 36 -3.78 -0.20 -27.48
C LEU A 36 -2.72 0.80 -27.08
N PHE A 37 -2.43 0.87 -25.78
CA PHE A 37 -1.38 1.70 -25.23
C PHE A 37 -0.07 0.90 -25.26
N ASP A 38 0.94 1.45 -25.93
CA ASP A 38 2.17 0.74 -26.26
C ASP A 38 3.36 1.52 -25.70
N PRO A 39 3.66 1.41 -24.40
CA PRO A 39 4.73 2.23 -23.83
C PRO A 39 6.11 1.61 -23.93
N GLY A 40 7.11 2.46 -23.72
CA GLY A 40 8.46 1.96 -23.55
C GLY A 40 8.62 1.19 -22.24
N LYS A 41 9.62 0.32 -22.22
CA LYS A 41 9.90 -0.47 -21.03
C LYS A 41 10.71 0.34 -20.02
N LEU A 42 10.56 -0.02 -18.75
CA LEU A 42 11.23 0.68 -17.67
C LEU A 42 12.26 -0.24 -17.03
N ASP A 43 13.07 -0.88 -17.86
CA ASP A 43 13.87 -2.02 -17.44
C ASP A 43 15.37 -1.78 -17.64
N SER A 44 15.79 -0.54 -17.81
CA SER A 44 17.21 -0.26 -18.01
C SER A 44 17.59 1.01 -17.27
N ASP A 45 18.88 1.08 -16.89
CA ASP A 45 19.40 2.31 -16.30
C ASP A 45 19.13 3.50 -17.21
N ASP A 46 19.37 3.33 -18.53
CA ASP A 46 19.08 4.42 -19.45
C ASP A 46 17.62 4.87 -19.31
N ALA A 47 16.68 3.93 -19.44
CA ALA A 47 15.27 4.27 -19.28
C ALA A 47 15.00 4.84 -17.91
N LEU A 48 15.69 4.32 -16.88
CA LEU A 48 15.41 4.78 -15.53
C LEU A 48 15.96 6.16 -15.26
N ASN A 49 17.00 6.57 -15.99
CA ASN A 49 17.60 7.89 -15.83
C ASN A 49 16.94 8.95 -16.70
N SER A 50 15.83 8.63 -17.35
CA SER A 50 15.05 9.62 -18.07
C SER A 50 13.87 10.05 -17.21
N ASN A 51 13.40 11.29 -17.44
CA ASN A 51 12.16 11.73 -16.83
C ASN A 51 10.98 11.58 -17.78
N ILE A 52 11.13 10.80 -18.86
CA ILE A 52 10.07 10.59 -19.85
C ILE A 52 9.81 9.09 -19.99
N ILE A 53 8.53 8.72 -19.96
CA ILE A 53 8.09 7.40 -20.39
C ILE A 53 7.46 7.57 -21.77
N PRO A 54 8.06 7.04 -22.83
CA PRO A 54 7.48 7.19 -24.16
C PRO A 54 6.42 6.14 -24.43
N PHE A 55 5.54 6.46 -25.38
CA PHE A 55 4.50 5.52 -25.79
C PHE A 55 4.00 5.85 -27.18
N ASP A 56 3.42 4.84 -27.81
CA ASP A 56 2.52 5.02 -28.93
C ASP A 56 1.13 4.61 -28.49
N LEU A 57 0.12 5.13 -29.17
CA LEU A 57 -1.26 4.74 -28.91
C LEU A 57 -1.88 4.32 -30.23
N HIS A 58 -2.34 3.07 -30.32
CA HIS A 58 -2.90 2.54 -31.56
C HIS A 58 -4.40 2.35 -31.41
N SER A 59 -5.14 2.58 -32.49
CA SER A 59 -6.56 2.24 -32.45
C SER A 59 -7.10 2.02 -33.85
N TYR A 60 -8.28 1.42 -33.90
CA TYR A 60 -9.06 1.25 -35.13
C TYR A 60 -10.32 2.10 -34.98
N MET A 61 -10.65 2.86 -36.03
CA MET A 61 -11.85 3.69 -36.02
C MET A 61 -12.56 3.59 -37.36
N SER A 62 -13.89 3.62 -37.33
CA SER A 62 -14.68 3.54 -38.56
C SER A 62 -14.95 4.91 -39.16
N SER A 66 -17.63 12.04 -35.30
CA SER A 66 -17.55 13.50 -35.21
C SER A 66 -18.01 14.01 -33.84
N GLY A 67 -17.49 15.17 -33.44
CA GLY A 67 -17.81 15.79 -32.18
C GLY A 67 -16.78 15.47 -31.12
N ASN A 68 -16.95 16.11 -29.96
CA ASN A 68 -16.08 15.89 -28.81
C ASN A 68 -16.74 15.04 -27.73
N ARG A 69 -17.79 14.28 -28.09
CA ARG A 69 -18.47 13.47 -27.08
C ARG A 69 -17.54 12.40 -26.52
N TYR A 70 -16.77 11.73 -27.38
CA TYR A 70 -15.98 10.59 -26.96
C TYR A 70 -14.52 10.99 -26.77
N LYS A 71 -13.95 10.62 -25.63
CA LYS A 71 -12.63 11.02 -25.21
C LYS A 71 -11.72 9.82 -25.06
N ILE A 72 -10.42 10.06 -25.14
CA ILE A 72 -9.41 9.06 -24.86
C ILE A 72 -8.94 9.27 -23.42
N ASP A 73 -9.02 8.23 -22.60
CA ASP A 73 -8.64 8.33 -21.19
C ASP A 73 -7.47 7.40 -20.92
N LEU A 74 -6.43 7.95 -20.32
CA LEU A 74 -5.25 7.21 -19.91
C LEU A 74 -5.14 7.29 -18.40
N LYS A 75 -5.17 6.14 -17.73
CA LYS A 75 -5.12 6.07 -16.27
C LYS A 75 -3.85 5.37 -15.85
N LEU A 76 -3.06 6.02 -15.00
CA LEU A 76 -1.73 5.56 -14.66
C LEU A 76 -1.64 5.18 -13.20
N ASP A 77 -0.79 4.20 -12.94
CA ASP A 77 -0.49 3.78 -11.59
C ASP A 77 -0.17 4.99 -10.72
N PRO A 78 -0.68 5.03 -9.47
CA PRO A 78 -0.37 6.16 -8.57
C PRO A 78 1.12 6.43 -8.36
N ILE A 79 1.95 5.39 -8.34
CA ILE A 79 3.40 5.63 -8.24
C ILE A 79 3.86 6.57 -9.35
N ILE A 80 3.38 6.35 -10.58
CA ILE A 80 3.70 7.21 -11.71
C ILE A 80 2.89 8.51 -11.66
N ALA A 81 1.56 8.40 -11.49
CA ALA A 81 0.68 9.54 -11.62
C ALA A 81 1.06 10.67 -10.69
N GLU A 82 1.62 10.33 -9.53
CA GLU A 82 1.98 11.32 -8.53
C GLU A 82 3.01 12.32 -9.05
N HIS A 83 3.77 11.94 -10.08
CA HIS A 83 4.88 12.74 -10.54
C HIS A 83 4.71 13.29 -11.95
N VAL A 84 3.54 13.11 -12.54
CA VAL A 84 3.33 13.49 -13.94
C VAL A 84 3.16 15.00 -14.05
N THR A 85 3.94 15.62 -14.92
CA THR A 85 3.81 17.04 -15.19
C THR A 85 3.09 17.32 -16.50
N LYS A 86 3.19 16.42 -17.47
CA LYS A 86 2.59 16.61 -18.78
C LYS A 86 2.49 15.28 -19.48
N ILE A 87 1.40 15.08 -20.21
CA ILE A 87 1.24 13.96 -21.13
C ILE A 87 0.81 14.52 -22.46
N SER A 88 1.44 14.06 -23.54
CA SER A 88 1.11 14.53 -24.88
C SER A 88 1.52 13.47 -25.89
N ALA A 89 0.93 13.58 -27.08
CA ALA A 89 1.23 12.69 -28.19
C ALA A 89 0.86 13.41 -29.49
N ASN A 90 1.46 12.95 -30.59
CA ASN A 90 1.12 13.44 -31.91
C ASN A 90 -0.11 12.74 -32.44
N PRO A 91 -1.10 13.46 -32.95
CA PRO A 91 -2.21 12.78 -33.61
C PRO A 91 -1.71 12.00 -34.81
N SER A 92 -2.48 11.00 -35.21
CA SER A 92 -2.08 10.14 -36.32
C SER A 92 -1.91 10.99 -37.58
N GLY A 93 -0.77 10.85 -38.23
CA GLY A 93 -0.49 11.59 -39.44
C GLY A 93 -0.07 13.03 -39.23
N SER A 94 0.32 13.40 -38.01
CA SER A 94 0.77 14.75 -37.71
C SER A 94 2.03 14.69 -36.86
N ASN A 95 2.75 15.81 -36.84
CA ASN A 95 3.95 15.93 -36.01
C ASN A 95 3.80 17.01 -34.95
N LYS A 96 2.59 17.49 -34.68
CA LYS A 96 2.36 18.52 -33.69
C LYS A 96 1.65 17.93 -32.48
N PRO A 97 2.25 17.95 -31.29
CA PRO A 97 1.63 17.28 -30.14
C PRO A 97 0.32 17.92 -29.69
N VAL A 98 -0.55 17.07 -29.12
CA VAL A 98 -1.75 17.48 -28.42
C VAL A 98 -1.60 17.04 -26.96
N GLU A 99 -2.03 17.88 -26.04
CA GLU A 99 -1.79 17.68 -24.62
C GLU A 99 -3.01 17.03 -23.97
N PHE A 100 -2.75 16.06 -23.09
CA PHE A 100 -3.79 15.48 -22.27
C PHE A 100 -4.07 16.40 -21.08
N VAL A 101 -5.29 16.35 -20.57
CA VAL A 101 -5.69 17.16 -19.43
C VAL A 101 -6.11 16.22 -18.30
N ARG A 102 -5.56 16.44 -17.11
CA ARG A 102 -5.87 15.58 -15.98
C ARG A 102 -7.35 15.72 -15.60
N ASN A 103 -8.03 14.61 -15.49
CA ASN A 103 -9.44 14.61 -15.13
C ASN A 103 -9.64 14.93 -13.65
N LYS A 104 -10.79 15.53 -13.35
CA LYS A 104 -11.29 15.65 -11.99
C LYS A 104 -12.60 14.86 -11.89
N ASP A 105 -12.95 14.46 -10.66
CA ASP A 105 -14.11 13.57 -10.50
C ASP A 105 -15.43 14.33 -10.53
N GLU A 106 -16.47 13.74 -9.93
CA GLU A 106 -17.78 14.38 -9.96
C GLU A 106 -17.82 15.67 -9.15
N ASN A 107 -16.85 15.89 -8.26
CA ASN A 107 -16.54 17.19 -7.71
C ASN A 107 -15.15 17.61 -8.21
N GLY A 108 -14.40 18.33 -7.38
CA GLY A 108 -13.16 18.93 -7.85
C GLY A 108 -11.89 18.18 -7.52
N ASN A 109 -11.99 16.90 -7.15
CA ASN A 109 -10.80 16.14 -6.77
C ASN A 109 -10.10 15.59 -8.02
N LEU A 110 -8.78 15.73 -8.04
CA LEU A 110 -8.00 15.17 -9.13
C LEU A 110 -8.10 13.65 -9.15
N THR A 111 -8.06 13.08 -10.34
CA THR A 111 -7.94 11.66 -10.52
C THR A 111 -6.54 11.35 -11.07
N ASP A 112 -6.28 10.07 -11.29
CA ASP A 112 -5.05 9.65 -11.96
C ASP A 112 -5.30 9.32 -13.43
N THR A 113 -6.31 9.94 -14.03
CA THR A 113 -6.68 9.72 -15.41
C THR A 113 -6.54 11.02 -16.19
N TRP A 114 -5.82 10.96 -17.30
CA TRP A 114 -5.64 12.07 -18.24
C TRP A 114 -6.48 11.86 -19.49
N GLU A 115 -6.99 12.97 -20.04
CA GLU A 115 -8.03 12.89 -21.07
C GLU A 115 -7.69 13.76 -22.27
N VAL A 116 -8.04 13.27 -23.46
CA VAL A 116 -7.83 14.00 -24.70
C VAL A 116 -8.95 13.58 -25.65
N ASN A 117 -9.27 14.46 -26.60
CA ASN A 117 -10.33 14.14 -27.53
C ASN A 117 -9.89 13.00 -28.44
N PHE A 118 -10.87 12.18 -28.84
CA PHE A 118 -10.57 11.03 -29.70
C PHE A 118 -10.27 11.47 -31.13
N ILE A 119 -11.18 12.23 -31.74
CA ILE A 119 -11.13 12.52 -33.17
C ILE A 119 -10.13 13.64 -33.44
N ARG A 120 -9.16 13.38 -34.32
CA ARG A 120 -8.10 14.33 -34.61
C ARG A 120 -8.64 15.66 -35.13
N ALA A 121 -9.70 15.61 -35.95
CA ALA A 121 -10.27 16.83 -36.51
C ALA A 121 -10.88 17.71 -35.41
N ASN A 122 -11.31 17.11 -34.30
CA ASN A 122 -11.75 17.82 -33.10
C ASN A 122 -10.63 17.99 -32.08
N ASP A 123 -9.41 18.31 -32.53
CA ASP A 123 -8.24 18.46 -31.66
C ASP A 123 -7.98 17.19 -30.86
N GLY A 124 -8.17 16.04 -31.50
CA GLY A 124 -7.93 14.77 -30.84
C GLY A 124 -6.76 14.00 -31.41
N LEU A 125 -6.82 12.68 -31.35
CA LEU A 125 -5.66 11.88 -31.69
C LEU A 125 -5.80 11.04 -32.95
N PHE A 126 -7.01 10.67 -33.36
CA PHE A 126 -7.15 9.68 -34.42
C PHE A 126 -7.98 10.22 -35.58
N GLY A 127 -7.55 9.87 -36.80
CA GLY A 127 -8.27 10.20 -38.00
C GLY A 127 -7.46 11.09 -38.92
N GLY A 128 -8.12 11.71 -39.89
CA GLY A 128 -7.47 12.70 -40.74
C GLY A 128 -7.70 14.11 -40.21
N LEU A 132 -13.27 0.09 -40.63
CA LEU A 132 -12.18 0.20 -39.67
C LEU A 132 -10.85 0.52 -40.34
N SER A 133 -10.28 1.68 -40.02
CA SER A 133 -8.93 2.00 -40.44
C SER A 133 -8.02 2.07 -39.21
N GLN A 134 -6.74 1.84 -39.45
CA GLN A 134 -5.75 1.73 -38.37
C GLN A 134 -5.03 3.06 -38.24
N TYR A 135 -4.96 3.57 -37.01
CA TYR A 135 -4.25 4.81 -36.73
C TYR A 135 -3.33 4.62 -35.54
N THR A 136 -2.17 5.27 -35.61
CA THR A 136 -1.23 5.30 -34.50
C THR A 136 -0.94 6.74 -34.19
N ALA A 137 -1.14 7.13 -32.94
CA ALA A 137 -0.62 8.38 -32.42
C ALA A 137 0.79 8.12 -31.91
N LYS A 138 1.77 8.82 -32.46
CA LYS A 138 3.16 8.53 -32.16
C LYS A 138 3.76 9.61 -31.27
N ASN A 139 4.97 9.34 -30.81
CA ASN A 139 5.76 10.27 -30.02
C ASN A 139 5.06 10.66 -28.73
N GLY A 140 4.30 9.73 -28.15
CA GLY A 140 3.70 9.98 -26.85
C GLY A 140 4.78 10.13 -25.80
N LYS A 141 4.56 11.08 -24.89
CA LYS A 141 5.52 11.36 -23.82
C LYS A 141 4.77 11.59 -22.51
N ILE A 142 5.05 10.76 -21.53
CA ILE A 142 4.63 11.01 -20.14
C ILE A 142 5.80 11.70 -19.47
N GLU A 143 5.66 12.99 -19.19
CA GLU A 143 6.74 13.78 -18.61
C GLU A 143 6.55 13.84 -17.10
N LEU A 144 7.63 13.62 -16.37
CA LEU A 144 7.63 13.47 -14.91
C LEU A 144 8.54 14.48 -14.24
N ASP A 145 8.19 14.84 -13.00
CA ASP A 145 8.95 15.84 -12.24
C ASP A 145 10.24 15.29 -11.62
N ASP A 146 10.57 14.03 -11.88
CA ASP A 146 11.81 13.43 -11.43
C ASP A 146 12.10 12.29 -12.40
N THR A 147 13.26 11.64 -12.23
CA THR A 147 13.53 10.51 -13.10
C THR A 147 12.66 9.31 -12.74
N VAL A 148 12.49 8.41 -13.71
CA VAL A 148 11.71 7.19 -13.48
C VAL A 148 12.36 6.35 -12.38
N GLY A 149 13.69 6.26 -12.40
CA GLY A 149 14.40 5.46 -11.40
C GLY A 149 14.18 5.94 -9.97
N ASN A 150 14.24 7.24 -9.74
CA ASN A 150 13.99 7.76 -8.40
C ASN A 150 12.54 7.58 -8.02
N ILE A 151 11.63 7.61 -9.00
CA ILE A 151 10.23 7.46 -8.68
C ILE A 151 9.92 6.03 -8.29
N ILE A 152 10.35 5.05 -9.10
CA ILE A 152 9.93 3.68 -8.81
C ILE A 152 10.79 3.00 -7.77
N SER A 153 11.89 3.63 -7.34
CA SER A 153 12.61 3.16 -6.17
C SER A 153 11.85 3.47 -4.88
N ASN A 154 10.73 4.17 -4.98
CA ASN A 154 9.88 4.38 -3.83
C ASN A 154 8.61 3.55 -3.98
N ALA A 155 8.78 2.29 -4.33
CA ALA A 155 7.67 1.36 -4.45
C ALA A 155 8.07 0.08 -3.74
N GLY A 156 7.12 -0.85 -3.68
CA GLY A 156 7.31 -2.14 -3.05
C GLY A 156 7.87 -3.17 -4.00
N ASN A 157 7.46 -4.42 -3.79
CA ASN A 157 7.90 -5.52 -4.64
C ASN A 157 7.16 -5.37 -5.97
N LEU A 158 7.88 -4.87 -6.98
CA LEU A 158 7.32 -4.73 -8.32
C LEU A 158 7.11 -6.05 -9.01
N SER A 159 7.53 -7.17 -8.40
CA SER A 159 7.10 -8.46 -8.91
C SER A 159 5.65 -8.75 -8.54
N ASN A 160 5.17 -8.23 -7.41
CA ASN A 160 3.81 -8.51 -6.96
C ASN A 160 2.85 -7.37 -7.23
N ASN A 161 3.27 -6.13 -7.02
CA ASN A 161 2.47 -4.94 -7.28
C ASN A 161 3.05 -4.29 -8.54
N LYS A 162 2.37 -4.44 -9.69
CA LYS A 162 2.89 -3.90 -10.94
C LYS A 162 2.60 -2.42 -11.04
N LEU A 163 3.25 -1.75 -11.99
CA LEU A 163 2.88 -0.37 -12.32
C LEU A 163 1.82 -0.44 -13.40
N ASN A 164 0.54 -0.32 -13.00
CA ASN A 164 -0.56 -0.62 -13.91
C ASN A 164 -0.88 0.57 -14.81
N HIS A 165 -1.46 0.25 -15.98
CA HIS A 165 -2.01 1.27 -16.84
C HIS A 165 -3.32 0.79 -17.42
N GLN A 166 -4.17 1.72 -17.79
CA GLN A 166 -5.42 1.42 -18.46
C GLN A 166 -5.72 2.52 -19.45
N VAL A 167 -6.32 2.16 -20.58
CA VAL A 167 -6.72 3.11 -21.59
C VAL A 167 -8.12 2.71 -22.06
N PHE A 168 -8.93 3.71 -22.38
CA PHE A 168 -10.28 3.45 -22.88
C PHE A 168 -10.83 4.73 -23.46
N VAL A 169 -11.93 4.58 -24.21
CA VAL A 169 -12.73 5.69 -24.66
C VAL A 169 -13.83 5.93 -23.62
N ARG A 170 -13.98 7.17 -23.18
CA ARG A 170 -15.03 7.56 -22.25
C ARG A 170 -16.13 8.29 -23.01
N ASP A 171 -17.37 7.86 -22.79
CA ASP A 171 -18.56 8.60 -23.22
C ASP A 171 -18.74 9.75 -22.23
N SER A 172 -18.40 10.97 -22.67
CA SER A 172 -18.45 12.09 -21.74
C SER A 172 -19.88 12.52 -21.43
N ARG A 173 -20.84 12.13 -22.27
CA ARG A 173 -22.24 12.43 -21.93
C ARG A 173 -22.71 11.54 -20.79
N GLU A 174 -22.29 10.27 -20.76
CA GLU A 174 -22.74 9.33 -19.74
C GLU A 174 -21.73 9.09 -18.63
N ASN A 175 -20.50 9.59 -18.78
CA ASN A 175 -19.40 9.28 -17.86
C ASN A 175 -19.26 7.77 -17.67
N LYS A 176 -19.28 7.04 -18.79
CA LYS A 176 -19.13 5.59 -18.79
C LYS A 176 -18.02 5.18 -19.75
N ILE A 177 -17.48 3.98 -19.50
CA ILE A 177 -16.45 3.38 -20.37
C ILE A 177 -17.14 2.62 -21.49
N VAL A 178 -16.76 2.95 -22.73
CA VAL A 178 -17.17 2.19 -23.90
C VAL A 178 -16.55 0.80 -23.82
N ARG A 179 -17.39 -0.22 -23.62
CA ARG A 179 -16.90 -1.53 -23.22
C ARG A 179 -15.86 -2.08 -24.19
N THR A 180 -16.09 -1.96 -25.49
CA THR A 180 -15.20 -2.58 -26.46
C THR A 180 -13.90 -1.81 -26.65
N SER A 181 -13.77 -0.62 -26.08
CA SER A 181 -12.56 0.18 -26.26
C SER A 181 -11.48 -0.12 -25.23
N GLU A 182 -11.82 -0.85 -24.17
CA GLU A 182 -11.00 -0.91 -22.97
C GLU A 182 -9.78 -1.81 -23.16
N SER A 183 -8.64 -1.32 -22.71
CA SER A 183 -7.43 -2.11 -22.69
C SER A 183 -6.66 -1.75 -21.43
N SER A 184 -5.84 -2.68 -20.96
CA SER A 184 -5.06 -2.43 -19.74
C SER A 184 -3.71 -3.13 -19.89
N GLY A 185 -2.94 -3.15 -18.81
CA GLY A 185 -1.62 -3.76 -18.78
C GLY A 185 -0.79 -3.22 -17.64
N TYR A 186 0.53 -3.43 -17.75
CA TYR A 186 1.44 -2.87 -16.78
C TYR A 186 2.78 -2.65 -17.44
N PHE A 187 3.51 -1.65 -16.95
CA PHE A 187 4.84 -1.34 -17.44
C PHE A 187 5.81 -2.43 -17.03
N LEU A 188 6.72 -2.79 -17.93
CA LEU A 188 7.70 -3.82 -17.64
C LEU A 188 8.90 -3.17 -16.96
N THR A 189 9.33 -3.76 -15.86
CA THR A 189 10.53 -3.34 -15.13
C THR A 189 11.49 -4.50 -15.05
N LYS A 190 12.64 -4.26 -14.41
CA LYS A 190 13.57 -5.34 -14.16
C LYS A 190 12.95 -6.47 -13.36
N ALA A 191 11.87 -6.21 -12.61
CA ALA A 191 11.21 -7.27 -11.86
C ALA A 191 10.57 -8.29 -12.79
N ASP A 192 10.16 -7.85 -13.97
CA ASP A 192 9.49 -8.72 -14.95
C ASP A 192 10.53 -9.43 -15.82
N ASP A 193 11.39 -10.21 -15.15
CA ASP A 193 12.61 -10.64 -15.82
C ASP A 193 12.32 -11.66 -16.92
N ASP A 194 11.31 -12.50 -16.75
CA ASP A 194 11.04 -13.48 -17.81
C ASP A 194 10.49 -12.78 -19.07
N LEU A 195 9.60 -11.81 -18.90
CA LEU A 195 9.06 -11.08 -20.04
C LEU A 195 10.12 -10.19 -20.69
N VAL A 196 11.02 -9.61 -19.89
CA VAL A 196 12.10 -8.79 -20.44
C VAL A 196 13.04 -9.64 -21.29
N ASN A 197 13.37 -10.85 -20.82
CA ASN A 197 14.22 -11.74 -21.62
C ASN A 197 13.54 -12.12 -22.93
N LEU A 198 12.22 -12.28 -22.90
CA LEU A 198 11.49 -12.60 -24.12
C LEU A 198 11.57 -11.45 -25.12
N GLU A 199 11.29 -10.22 -24.63
CA GLU A 199 11.40 -9.03 -25.49
C GLU A 199 12.80 -8.87 -26.06
N ASN A 200 13.81 -9.39 -25.36
CA ASN A 200 15.19 -9.30 -25.81
C ASN A 200 15.65 -10.53 -26.59
N ASN A 201 14.75 -11.45 -26.94
CA ASN A 201 15.11 -12.62 -27.76
C ASN A 201 14.06 -12.85 -28.84
N VAL A 202 13.75 -11.80 -29.61
CA VAL A 202 12.68 -11.88 -30.61
C VAL A 202 13.04 -12.85 -31.73
N SER A 203 12.04 -13.61 -32.19
CA SER A 203 12.21 -14.56 -33.27
C SER A 203 12.43 -13.85 -34.60
N THR A 204 13.14 -14.52 -35.52
CA THR A 204 13.22 -14.00 -36.86
C THR A 204 11.95 -14.27 -37.66
N GLU A 205 11.12 -15.20 -37.20
CA GLU A 205 9.93 -15.60 -37.96
C GLU A 205 8.90 -14.51 -37.94
N ASN A 206 8.44 -14.11 -39.14
CA ASN A 206 7.34 -13.17 -39.32
C ASN A 206 7.54 -11.93 -38.47
N ASN A 207 8.72 -11.35 -38.65
CA ASN A 207 9.25 -10.34 -37.77
C ASN A 207 8.55 -9.02 -37.96
N ASN A 208 7.97 -8.80 -39.14
CA ASN A 208 7.22 -7.57 -39.37
C ASN A 208 5.69 -7.79 -39.40
N ALA A 209 5.21 -8.95 -38.98
CA ALA A 209 3.78 -9.27 -39.12
C ALA A 209 2.91 -8.44 -38.17
N PHE A 210 3.36 -8.20 -36.96
CA PHE A 210 2.47 -7.67 -35.93
C PHE A 210 2.99 -6.33 -35.44
N LYS A 211 2.06 -5.42 -35.16
CA LYS A 211 2.40 -4.05 -34.77
C LYS A 211 2.43 -3.87 -33.25
N ALA A 212 1.48 -4.46 -32.55
CA ALA A 212 1.41 -4.20 -31.11
C ALA A 212 0.41 -5.17 -30.51
N SER A 213 0.46 -5.30 -29.19
CA SER A 213 -0.48 -6.18 -28.52
C SER A 213 -0.82 -5.63 -27.14
N SER A 214 -2.06 -5.84 -26.75
CA SER A 214 -2.48 -5.46 -25.40
C SER A 214 -3.61 -6.37 -24.98
N GLY A 215 -3.96 -6.33 -23.70
CA GLY A 215 -4.97 -7.22 -23.18
C GLY A 215 -6.03 -6.43 -22.43
N SER A 216 -7.14 -7.12 -22.16
CA SER A 216 -8.15 -6.61 -21.26
C SER A 216 -8.63 -7.76 -20.42
N ALA A 217 -8.96 -7.49 -19.15
CA ALA A 217 -9.43 -8.51 -18.24
C ALA A 217 -10.72 -7.99 -17.62
N THR A 218 -11.79 -8.78 -17.71
CA THR A 218 -13.11 -8.35 -17.27
C THR A 218 -13.78 -9.47 -16.50
N TYR A 219 -14.88 -9.12 -15.81
CA TYR A 219 -15.71 -10.10 -15.13
C TYR A 219 -16.99 -10.32 -15.92
N ASN A 220 -17.39 -11.58 -16.06
CA ASN A 220 -18.64 -11.93 -16.75
C ASN A 220 -19.43 -12.90 -15.89
N GLU A 221 -20.59 -12.45 -15.41
CA GLU A 221 -21.41 -13.26 -14.51
C GLU A 221 -22.01 -14.48 -15.20
N ASN A 222 -22.08 -14.49 -16.52
CA ASN A 222 -22.69 -15.59 -17.24
C ASN A 222 -21.78 -16.80 -17.42
N VAL A 223 -20.50 -16.69 -17.07
CA VAL A 223 -19.57 -17.81 -17.24
C VAL A 223 -19.82 -18.83 -16.14
N GLY A 224 -20.05 -20.08 -16.52
CA GLY A 224 -20.22 -21.15 -15.56
C GLY A 224 -21.34 -20.88 -14.56
N GLU A 225 -21.20 -21.43 -13.37
CA GLU A 225 -22.23 -21.23 -12.35
C GLU A 225 -21.87 -20.15 -11.35
N PHE A 226 -20.62 -19.69 -11.31
CA PHE A 226 -20.18 -18.66 -10.38
C PHE A 226 -19.63 -17.43 -11.09
N GLY A 227 -19.80 -17.33 -12.41
CA GLY A 227 -19.21 -16.25 -13.17
C GLY A 227 -17.79 -16.60 -13.59
N GLY A 228 -17.19 -15.67 -14.32
CA GLY A 228 -15.83 -15.93 -14.78
C GLY A 228 -15.08 -14.66 -15.09
N ILE A 229 -13.77 -14.83 -15.33
CA ILE A 229 -12.90 -13.75 -15.71
C ILE A 229 -12.50 -14.01 -17.16
N LEU A 230 -12.68 -13.02 -18.02
CA LEU A 230 -12.28 -13.11 -19.42
C LEU A 230 -11.01 -12.30 -19.63
N ILE A 231 -9.99 -12.93 -20.20
CA ILE A 231 -8.72 -12.26 -20.44
C ILE A 231 -8.54 -12.26 -21.95
N ASP A 232 -8.80 -11.11 -22.60
CA ASP A 232 -8.82 -11.02 -24.05
C ASP A 232 -7.58 -10.29 -24.56
N GLN A 233 -6.78 -10.97 -25.36
CA GLN A 233 -5.61 -10.34 -25.95
C GLN A 233 -5.91 -9.95 -27.40
N GLN A 234 -5.51 -8.74 -27.80
CA GLN A 234 -5.55 -8.31 -29.18
C GLN A 234 -4.12 -8.16 -29.68
N ILE A 235 -3.85 -8.62 -30.90
CA ILE A 235 -2.58 -8.41 -31.59
C ILE A 235 -2.91 -7.73 -32.92
N MET A 236 -2.59 -6.44 -33.01
CA MET A 236 -2.83 -5.70 -34.23
C MET A 236 -1.77 -6.07 -35.26
N LYS A 237 -2.19 -6.18 -36.52
CA LYS A 237 -1.31 -6.54 -37.62
C LYS A 237 -0.72 -5.30 -38.29
N ASN A 238 0.49 -5.47 -38.84
CA ASN A 238 1.02 -4.48 -39.77
C ASN A 238 0.43 -4.62 -41.17
N GLY A 239 0.09 -5.84 -41.57
CA GLY A 239 -0.43 -6.06 -42.92
C GLY A 239 -1.51 -7.12 -42.97
N ILE A 240 -1.27 -8.15 -43.78
CA ILE A 240 -2.29 -9.18 -43.98
C ILE A 240 -1.73 -10.55 -43.63
N PHE A 241 -1.02 -10.61 -42.50
CA PHE A 241 -0.37 -11.84 -42.04
C PHE A 241 -1.26 -13.07 -42.22
N SER A 242 -0.61 -14.16 -42.62
CA SER A 242 -1.27 -15.45 -42.76
C SER A 242 -0.40 -16.48 -42.05
N TYR A 243 -1.00 -17.21 -41.08
CA TYR A 243 -0.29 -18.22 -40.31
C TYR A 243 -0.38 -19.56 -41.03
N SER A 244 0.78 -20.12 -41.38
CA SER A 244 0.86 -21.48 -41.92
C SER A 244 2.27 -21.99 -41.69
N LYS A 245 2.40 -23.07 -40.95
CA LYS A 245 3.70 -23.62 -40.60
C LYS A 245 3.63 -25.12 -40.78
N THR A 246 4.78 -25.74 -41.03
CA THR A 246 4.86 -27.18 -40.92
C THR A 246 4.53 -27.59 -39.48
N LYS A 247 4.20 -28.87 -39.31
CA LYS A 247 3.95 -29.40 -37.96
C LYS A 247 5.11 -29.10 -37.03
N ALA A 248 6.36 -29.26 -37.50
CA ALA A 248 7.52 -29.09 -36.65
C ALA A 248 7.79 -27.63 -36.30
N ASN A 249 7.32 -26.68 -37.10
CA ASN A 249 7.58 -25.27 -36.86
C ASN A 249 6.37 -24.55 -36.25
N GLN A 250 5.38 -25.28 -35.75
CA GLN A 250 4.21 -24.65 -35.16
C GLN A 250 4.58 -23.74 -33.98
N TRP A 251 3.88 -22.62 -33.89
CA TRP A 251 4.04 -21.71 -32.79
C TRP A 251 3.31 -22.22 -31.54
N ALA A 252 3.58 -21.59 -30.40
CA ALA A 252 2.82 -21.86 -29.19
C ALA A 252 2.24 -20.57 -28.64
N TYR A 253 1.05 -20.68 -28.02
CA TYR A 253 0.47 -19.58 -27.26
C TYR A 253 0.79 -19.79 -25.78
N ASN A 254 1.25 -18.73 -25.12
CA ASN A 254 1.74 -18.77 -23.74
C ASN A 254 0.96 -17.76 -22.91
N TYR A 255 0.63 -18.10 -21.67
CA TYR A 255 -0.24 -17.25 -20.88
C TYR A 255 0.19 -17.30 -19.42
N GLN A 256 0.02 -16.17 -18.73
CA GLN A 256 0.36 -16.05 -17.31
C GLN A 256 -0.88 -15.58 -16.57
N ILE A 257 -1.34 -16.37 -15.60
CA ILE A 257 -2.53 -16.03 -14.80
C ILE A 257 -2.06 -15.65 -13.41
N ASP A 258 -2.50 -14.49 -12.91
CA ASP A 258 -2.09 -14.01 -11.59
C ASP A 258 -2.25 -15.12 -10.54
N LYS A 259 -1.16 -15.43 -9.86
CA LYS A 259 -1.14 -16.51 -8.87
C LYS A 259 -2.20 -16.31 -7.77
N ASP A 260 -2.53 -15.07 -7.40
CA ASP A 260 -3.53 -14.88 -6.35
C ASP A 260 -4.95 -15.23 -6.77
N LEU A 261 -5.22 -15.38 -8.05
CA LEU A 261 -6.54 -15.84 -8.46
C LEU A 261 -6.67 -17.35 -8.40
N LEU A 262 -5.55 -18.07 -8.33
CA LEU A 262 -5.60 -19.52 -8.44
C LEU A 262 -6.53 -20.21 -7.44
N PRO A 263 -6.64 -19.79 -6.17
CA PRO A 263 -7.63 -20.41 -5.27
C PRO A 263 -9.09 -20.29 -5.72
N TYR A 264 -9.37 -19.37 -6.64
CA TYR A 264 -10.74 -19.14 -7.09
C TYR A 264 -11.04 -19.72 -8.44
N ILE A 265 -10.09 -20.37 -9.09
CA ILE A 265 -10.30 -20.86 -10.46
C ILE A 265 -10.64 -22.34 -10.42
N GLU A 266 -11.78 -22.69 -11.02
CA GLU A 266 -12.17 -24.07 -11.24
C GLU A 266 -11.59 -24.63 -12.54
N GLY A 267 -11.53 -23.80 -13.59
CA GLY A 267 -10.97 -24.27 -14.85
C GLY A 267 -10.54 -23.11 -15.71
N VAL A 268 -9.62 -23.40 -16.64
CA VAL A 268 -9.07 -22.43 -17.57
C VAL A 268 -9.27 -22.95 -18.99
N GLU A 269 -9.80 -22.11 -19.86
CA GLU A 269 -10.17 -22.51 -21.21
C GLU A 269 -9.69 -21.49 -22.23
N LEU A 270 -9.42 -21.97 -23.44
CA LEU A 270 -9.11 -21.10 -24.58
C LEU A 270 -10.33 -20.99 -25.48
N HIS A 271 -10.69 -19.77 -25.83
CA HIS A 271 -11.79 -19.52 -26.73
C HIS A 271 -11.31 -18.82 -27.99
N GLN A 272 -12.01 -19.07 -29.09
CA GLN A 272 -11.73 -18.31 -30.30
C GLN A 272 -12.49 -16.99 -30.22
N TYR A 273 -11.87 -15.95 -30.78
CA TYR A 273 -12.27 -14.59 -30.47
C TYR A 273 -12.17 -13.68 -31.70
N LYS A 283 -17.67 -9.80 -28.41
CA LYS A 283 -17.09 -9.62 -27.09
C LYS A 283 -17.87 -10.39 -26.03
N ASN A 284 -19.09 -10.77 -26.37
CA ASN A 284 -19.89 -11.57 -25.47
C ASN A 284 -19.27 -12.94 -25.27
N TYR A 285 -19.46 -13.49 -24.08
CA TYR A 285 -19.08 -14.86 -23.82
C TYR A 285 -20.07 -15.83 -24.47
N ASP A 286 -19.53 -16.91 -25.03
CA ASP A 286 -20.36 -17.96 -25.60
C ASP A 286 -19.56 -19.25 -25.47
N ALA A 287 -20.03 -20.17 -24.62
CA ALA A 287 -19.31 -21.43 -24.42
C ALA A 287 -19.09 -22.19 -25.72
N LYS A 288 -19.87 -21.91 -26.77
CA LYS A 288 -19.63 -22.58 -28.04
C LYS A 288 -18.31 -22.16 -28.66
N ASN A 289 -17.69 -21.09 -28.16
CA ASN A 289 -16.42 -20.61 -28.68
C ASN A 289 -15.22 -21.31 -28.06
N LYS A 290 -15.45 -22.28 -27.18
CA LYS A 290 -14.35 -23.00 -26.54
C LYS A 290 -13.62 -23.87 -27.57
N VAL A 291 -12.29 -23.79 -27.56
CA VAL A 291 -11.47 -24.60 -28.44
C VAL A 291 -10.47 -25.49 -27.69
N ALA A 292 -10.24 -25.27 -26.41
CA ALA A 292 -9.35 -26.14 -25.66
C ALA A 292 -9.52 -25.89 -24.16
N ASP A 293 -9.14 -26.90 -23.39
CA ASP A 293 -8.86 -26.75 -21.96
C ASP A 293 -7.39 -26.40 -21.79
N LEU A 294 -7.11 -25.47 -20.88
CA LEU A 294 -5.75 -25.02 -20.64
C LEU A 294 -5.28 -25.46 -19.27
N THR A 295 -4.00 -25.76 -19.15
CA THR A 295 -3.40 -26.06 -17.87
C THR A 295 -2.46 -24.94 -17.47
N ILE A 296 -2.37 -24.71 -16.16
CA ILE A 296 -1.48 -23.72 -15.55
C ILE A 296 -0.65 -24.41 -14.49
N ASP A 297 0.56 -23.91 -14.27
CA ASP A 297 1.40 -24.47 -13.22
C ASP A 297 1.12 -23.75 -11.91
N GLU A 298 1.93 -24.01 -10.87
CA GLU A 298 1.60 -23.52 -9.54
C GLU A 298 1.71 -22.00 -9.44
N VAL A 299 2.35 -21.34 -10.41
CA VAL A 299 2.46 -19.88 -10.40
C VAL A 299 1.56 -19.24 -11.46
N GLY A 300 0.75 -20.03 -12.14
CA GLY A 300 -0.23 -19.50 -13.07
C GLY A 300 0.19 -19.47 -14.52
N ASN A 301 1.34 -20.08 -14.85
CA ASN A 301 1.86 -20.06 -16.22
C ASN A 301 1.45 -21.31 -16.99
N GLY A 302 1.20 -21.12 -18.28
CA GLY A 302 0.89 -22.25 -19.15
C GLY A 302 1.26 -21.94 -20.58
N THR A 303 1.18 -22.99 -21.39
CA THR A 303 1.48 -22.89 -22.82
C THR A 303 0.63 -23.94 -23.54
N ILE A 304 0.22 -23.62 -24.76
CA ILE A 304 -0.56 -24.55 -25.56
C ILE A 304 -0.04 -24.48 -26.99
N THR A 305 0.04 -25.64 -27.64
CA THR A 305 0.42 -25.68 -29.04
C THR A 305 -0.41 -26.77 -29.71
N SER A 306 -0.14 -26.99 -30.99
CA SER A 306 -1.00 -27.79 -31.83
C SER A 306 -0.24 -28.18 -33.07
N ASP A 307 -0.75 -29.20 -33.77
CA ASP A 307 -0.19 -29.52 -35.06
C ASP A 307 -0.61 -28.51 -36.13
N ASN A 308 -1.64 -27.71 -35.84
CA ASN A 308 -2.03 -26.62 -36.73
C ASN A 308 -2.70 -25.55 -35.87
N LEU A 309 -1.93 -24.54 -35.45
CA LEU A 309 -2.43 -23.54 -34.52
C LEU A 309 -3.65 -22.79 -35.05
N ASN A 310 -3.87 -22.80 -36.36
CA ASN A 310 -5.10 -22.22 -36.91
C ASN A 310 -6.36 -22.82 -36.30
N LYS A 311 -6.29 -24.03 -35.75
CA LYS A 311 -7.47 -24.60 -35.12
C LYS A 311 -7.78 -23.97 -33.77
N LEU A 312 -6.80 -23.32 -33.15
CA LEU A 312 -6.96 -22.75 -31.81
C LEU A 312 -7.09 -21.24 -31.79
N ILE A 313 -6.50 -20.56 -32.77
CA ILE A 313 -6.47 -19.11 -32.83
C ILE A 313 -6.94 -18.69 -34.21
N GLU A 314 -7.88 -17.75 -34.26
CA GLU A 314 -8.33 -17.14 -35.49
C GLU A 314 -7.34 -16.02 -35.87
N PHE A 315 -6.43 -16.34 -36.77
CA PHE A 315 -5.44 -15.34 -37.18
C PHE A 315 -5.94 -14.41 -38.27
N ASN A 316 -7.20 -14.55 -38.71
CA ASN A 316 -7.74 -13.80 -39.85
C ASN A 316 -6.76 -13.83 -41.03
N ASN A 317 -6.38 -15.04 -41.43
CA ASN A 317 -5.36 -15.22 -42.45
C ASN A 317 -5.67 -14.46 -43.75
N ALA A 318 -4.68 -13.71 -44.22
CA ALA A 318 -4.72 -12.90 -45.44
C ALA A 318 -5.69 -11.74 -45.35
N LEU A 319 -6.19 -11.40 -44.16
CA LEU A 319 -6.99 -10.23 -43.87
C LEU A 319 -6.24 -9.28 -42.94
N PRO A 320 -6.52 -7.99 -42.98
CA PRO A 320 -5.83 -7.05 -42.08
C PRO A 320 -6.38 -7.01 -40.66
N GLU A 321 -7.35 -7.86 -40.33
CA GLU A 321 -8.08 -7.72 -39.08
C GLU A 321 -7.24 -8.15 -37.87
N THR A 322 -7.41 -7.43 -36.76
CA THR A 322 -6.70 -7.71 -35.53
C THR A 322 -6.96 -9.13 -35.05
N VAL A 323 -5.91 -9.81 -34.59
CA VAL A 323 -6.03 -11.14 -34.02
C VAL A 323 -6.51 -11.03 -32.57
N GLY A 324 -7.54 -11.79 -32.23
CA GLY A 324 -8.03 -11.86 -30.85
C GLY A 324 -7.79 -13.24 -30.27
N VAL A 325 -7.42 -13.29 -29.00
CA VAL A 325 -7.27 -14.53 -28.25
C VAL A 325 -7.97 -14.36 -26.91
N ARG A 326 -8.81 -15.32 -26.54
CA ARG A 326 -9.54 -15.23 -25.27
C ARG A 326 -9.16 -16.37 -24.34
N VAL A 327 -8.78 -16.03 -23.12
CA VAL A 327 -8.62 -17.00 -22.06
C VAL A 327 -9.76 -16.82 -21.07
N VAL A 328 -10.40 -17.91 -20.68
CA VAL A 328 -11.55 -17.88 -19.76
C VAL A 328 -11.17 -18.56 -18.45
N LEU A 329 -11.35 -17.84 -17.34
CA LEU A 329 -11.14 -18.40 -16.01
C LEU A 329 -12.52 -18.59 -15.40
N LYS A 330 -12.91 -19.84 -15.19
CA LYS A 330 -14.19 -20.16 -14.57
C LYS A 330 -14.03 -20.13 -13.05
N LEU A 331 -14.77 -19.26 -12.38
CA LEU A 331 -14.69 -19.17 -10.93
C LEU A 331 -15.34 -20.38 -10.28
N ASN A 332 -14.84 -20.73 -9.09
CA ASN A 332 -15.40 -21.82 -8.31
C ASN A 332 -16.27 -21.33 -7.15
N LYS A 333 -16.48 -20.02 -7.03
CA LYS A 333 -17.30 -19.39 -6.01
C LYS A 333 -17.49 -17.94 -6.44
N SER A 334 -18.37 -17.23 -5.73
CA SER A 334 -18.70 -15.86 -6.09
C SER A 334 -17.46 -14.97 -6.18
N VAL A 335 -17.45 -14.09 -7.19
CA VAL A 335 -16.35 -13.14 -7.35
C VAL A 335 -16.21 -12.23 -6.15
N ASN A 336 -17.30 -12.06 -5.38
CA ASN A 336 -17.26 -11.23 -4.18
C ASN A 336 -16.45 -11.85 -3.06
N ASN A 337 -16.02 -13.11 -3.19
CA ASN A 337 -15.23 -13.79 -2.18
C ASN A 337 -13.74 -13.51 -2.28
N ILE A 338 -13.28 -12.77 -3.30
CA ILE A 338 -11.83 -12.63 -3.48
C ILE A 338 -11.28 -11.54 -2.59
N LEU A 339 -11.86 -10.35 -2.63
CA LEU A 339 -11.39 -9.28 -1.76
C LEU A 339 -11.76 -9.53 -0.31
N THR A 340 -12.74 -10.38 -0.05
CA THR A 340 -13.07 -10.74 1.32
C THR A 340 -12.27 -11.94 1.80
N LYS A 341 -11.20 -12.33 1.10
CA LYS A 341 -10.36 -13.37 1.65
C LYS A 341 -9.82 -12.88 2.99
N ASP A 342 -9.67 -13.79 3.94
CA ASP A 342 -9.24 -13.44 5.30
C ASP A 342 -10.20 -12.47 6.00
N ALA A 343 -11.42 -12.34 5.51
CA ALA A 343 -12.35 -11.43 6.17
C ALA A 343 -12.88 -12.11 7.43
N LYS A 344 -13.19 -11.31 8.43
CA LYS A 344 -13.79 -11.83 9.66
C LYS A 344 -15.24 -11.40 9.72
N TYR A 345 -16.04 -12.19 10.45
CA TYR A 345 -17.47 -11.95 10.58
C TYR A 345 -17.84 -11.94 12.05
N ASP A 346 -18.84 -11.14 12.40
CA ASP A 346 -19.22 -11.00 13.80
C ASP A 346 -20.13 -12.17 14.23
N SER A 347 -20.62 -12.11 15.47
CA SER A 347 -21.48 -13.16 16.02
C SER A 347 -22.66 -13.49 15.09
N GLU A 348 -23.30 -12.46 14.54
CA GLU A 348 -24.45 -12.66 13.66
C GLU A 348 -24.06 -12.97 12.22
N GLY A 349 -22.81 -13.36 11.96
CA GLY A 349 -22.39 -13.70 10.62
C GLY A 349 -22.25 -12.53 9.66
N ASN A 350 -22.19 -11.30 10.17
CA ASN A 350 -22.04 -10.14 9.31
C ASN A 350 -20.58 -9.75 9.13
N LEU A 351 -20.25 -9.30 7.92
CA LEU A 351 -18.89 -8.92 7.60
C LEU A 351 -18.40 -7.77 8.48
N ILE A 352 -17.23 -7.96 9.07
CA ILE A 352 -16.52 -6.86 9.72
C ILE A 352 -15.76 -6.11 8.64
N ARG A 353 -16.27 -4.93 8.27
CA ARG A 353 -15.82 -4.22 7.08
C ARG A 353 -14.33 -3.89 7.13
N GLU A 354 -13.80 -3.66 8.33
CA GLU A 354 -12.39 -3.42 8.54
C GLU A 354 -11.53 -4.62 8.16
N THR A 355 -12.12 -5.81 8.02
CA THR A 355 -11.35 -7.00 7.68
C THR A 355 -11.37 -7.33 6.18
N THR A 356 -12.00 -6.51 5.35
CA THR A 356 -12.00 -6.80 3.92
C THR A 356 -11.08 -5.84 3.18
N LYS A 357 -10.67 -6.23 1.97
CA LYS A 357 -9.85 -5.37 1.13
C LYS A 357 -10.73 -4.38 0.35
N GLN A 358 -10.27 -3.14 0.24
CA GLN A 358 -10.96 -2.16 -0.58
C GLN A 358 -10.58 -2.28 -2.06
N LYS A 359 -9.38 -2.75 -2.38
CA LYS A 359 -9.10 -2.99 -3.80
C LYS A 359 -8.07 -4.09 -3.92
N GLU A 360 -7.99 -4.65 -5.13
CA GLU A 360 -6.93 -5.59 -5.45
C GLU A 360 -6.78 -5.67 -6.96
N ASP A 361 -5.55 -5.55 -7.42
CA ASP A 361 -5.21 -5.69 -8.84
C ASP A 361 -4.65 -7.07 -9.13
N PHE A 362 -5.09 -7.67 -10.24
CA PHE A 362 -4.51 -8.91 -10.73
C PHE A 362 -3.98 -8.68 -12.14
N THR A 363 -2.82 -9.26 -12.43
CA THR A 363 -2.16 -9.01 -13.70
C THR A 363 -2.01 -10.31 -14.48
N PHE A 364 -1.96 -10.18 -15.82
CA PHE A 364 -1.94 -11.30 -16.74
C PHE A 364 -1.03 -10.93 -17.91
N ALA A 365 -0.57 -11.96 -18.62
CA ALA A 365 0.24 -11.78 -19.84
C ALA A 365 -0.04 -12.91 -20.83
N GLY A 366 0.16 -12.60 -22.11
CA GLY A 366 0.03 -13.59 -23.17
C GLY A 366 0.97 -13.23 -24.29
N TYR A 367 1.46 -14.24 -25.00
CA TYR A 367 2.42 -14.02 -26.08
C TYR A 367 2.54 -15.29 -26.90
N LEU A 368 2.99 -15.12 -28.15
CA LEU A 368 3.28 -16.23 -29.05
C LEU A 368 4.79 -16.45 -29.10
N THR A 369 5.18 -17.71 -29.25
CA THR A 369 6.59 -18.06 -29.39
C THR A 369 6.75 -18.98 -30.59
N ASP A 370 7.94 -18.94 -31.21
CA ASP A 370 8.17 -19.89 -32.29
C ASP A 370 8.51 -21.26 -31.69
N SER A 371 8.81 -22.22 -32.57
CA SER A 371 9.09 -23.58 -32.11
C SER A 371 10.38 -23.69 -31.31
N LYS A 372 11.19 -22.63 -31.22
CA LYS A 372 12.37 -22.63 -30.37
C LYS A 372 12.18 -21.79 -29.11
N GLY A 373 10.95 -21.33 -28.84
CA GLY A 373 10.66 -20.55 -27.65
C GLY A 373 10.94 -19.07 -27.75
N ALA A 374 11.37 -18.58 -28.91
CA ALA A 374 11.63 -17.16 -29.06
C ALA A 374 10.33 -16.41 -29.31
N LEU A 375 10.27 -15.17 -28.82
CA LEU A 375 9.05 -14.37 -28.86
C LEU A 375 8.77 -13.89 -30.29
N ILE A 376 7.55 -14.13 -30.77
CA ILE A 376 7.13 -13.51 -32.02
C ILE A 376 6.98 -12.02 -31.78
N ASN A 377 7.66 -11.23 -32.62
CA ASN A 377 7.74 -9.78 -32.45
C ASN A 377 6.37 -9.16 -32.23
N ASN A 378 6.24 -8.42 -31.13
CA ASN A 378 5.09 -7.58 -30.82
C ASN A 378 3.83 -8.38 -30.50
N THR A 379 3.96 -9.62 -30.04
CA THR A 379 2.78 -10.38 -29.66
C THR A 379 2.62 -10.50 -28.15
N LEU A 380 3.43 -9.80 -27.36
CA LEU A 380 3.32 -9.86 -25.90
C LEU A 380 2.34 -8.80 -25.43
N GLY A 381 1.26 -9.23 -24.78
CA GLY A 381 0.27 -8.33 -24.25
C GLY A 381 0.06 -8.61 -22.77
N THR A 382 -0.06 -7.55 -22.01
CA THR A 382 -0.35 -7.71 -20.60
C THR A 382 -1.74 -7.18 -20.35
N SER A 383 -2.25 -7.45 -19.14
CA SER A 383 -3.55 -6.90 -18.76
C SER A 383 -3.60 -6.82 -17.24
N THR A 384 -4.52 -6.00 -16.76
CA THR A 384 -4.79 -5.78 -15.33
C THR A 384 -6.28 -5.90 -15.09
N LEU A 385 -6.67 -6.74 -14.11
CA LEU A 385 -8.04 -6.76 -13.60
C LEU A 385 -8.06 -6.00 -12.27
N ALA A 386 -8.70 -4.82 -12.27
CA ALA A 386 -8.74 -3.91 -11.13
C ALA A 386 -10.06 -4.11 -10.39
N LEU A 387 -10.06 -5.01 -9.43
CA LEU A 387 -11.23 -5.23 -8.58
C LEU A 387 -11.27 -4.20 -7.46
N GLN A 388 -12.48 -3.75 -7.14
CA GLN A 388 -12.65 -2.68 -6.16
C GLN A 388 -13.92 -2.92 -5.36
N ASP A 389 -13.86 -2.63 -4.05
CA ASP A 389 -15.02 -2.64 -3.14
C ASP A 389 -14.96 -1.30 -2.44
N TYR A 390 -15.37 -0.25 -3.15
CA TYR A 390 -15.09 1.11 -2.70
C TYR A 390 -15.56 1.34 -1.27
N ASP A 391 -16.73 0.78 -0.92
CA ASP A 391 -17.32 1.02 0.39
C ASP A 391 -17.13 -0.14 1.37
N LYS A 392 -16.31 -1.13 1.02
CA LYS A 392 -15.99 -2.25 1.91
C LYS A 392 -17.25 -2.89 2.50
N ASP A 393 -18.25 -3.15 1.66
CA ASP A 393 -19.42 -3.91 2.11
C ASP A 393 -19.41 -5.36 1.60
N GLY A 394 -18.34 -5.79 0.93
CA GLY A 394 -18.24 -7.15 0.46
C GLY A 394 -18.70 -7.37 -0.97
N LEU A 395 -19.38 -6.41 -1.59
CA LEU A 395 -19.83 -6.53 -2.98
C LEU A 395 -18.96 -5.66 -3.88
N LEU A 396 -18.31 -6.29 -4.86
CA LEU A 396 -17.45 -5.53 -5.77
C LEU A 396 -18.23 -4.40 -6.42
N ASP A 397 -17.53 -3.29 -6.70
CA ASP A 397 -18.10 -2.18 -7.46
C ASP A 397 -18.91 -2.67 -8.64
N ARG A 398 -18.28 -3.46 -9.51
CA ARG A 398 -18.96 -3.87 -10.73
C ARG A 398 -20.11 -4.81 -10.45
N TYR A 399 -20.01 -5.62 -9.39
CA TYR A 399 -21.16 -6.44 -9.00
C TYR A 399 -22.33 -5.56 -8.59
N GLU A 400 -22.07 -4.53 -7.78
CA GLU A 400 -23.17 -3.64 -7.34
C GLU A 400 -23.79 -2.92 -8.52
N ARG A 401 -22.96 -2.47 -9.46
CA ARG A 401 -23.46 -1.75 -10.62
C ARG A 401 -24.28 -2.65 -11.53
N GLN A 402 -23.80 -3.88 -11.77
CA GLN A 402 -24.39 -4.73 -12.80
C GLN A 402 -25.45 -5.69 -12.26
N LEU A 403 -25.28 -6.20 -11.03
CA LEU A 403 -26.14 -7.26 -10.50
C LEU A 403 -27.12 -6.73 -9.46
N SER A 404 -26.64 -6.35 -8.28
CA SER A 404 -27.51 -6.01 -7.16
C SER A 404 -28.17 -4.63 -7.30
N LEU A 405 -27.60 -3.73 -8.09
CA LEU A 405 -28.03 -2.34 -8.25
C LEU A 405 -27.89 -1.52 -6.97
N SER A 406 -27.29 -2.08 -5.93
CA SER A 406 -26.98 -1.28 -4.76
C SER A 406 -25.92 -0.22 -5.10
N ASP A 407 -25.79 0.75 -4.20
CA ASP A 407 -24.81 1.82 -4.38
C ASP A 407 -23.41 1.27 -4.08
N ALA A 408 -22.48 1.47 -5.03
CA ALA A 408 -21.09 1.03 -4.88
C ALA A 408 -20.28 1.92 -3.93
N GLU A 409 -20.78 3.10 -3.58
CA GLU A 409 -20.11 4.03 -2.67
C GLU A 409 -20.91 4.29 -1.39
N ASN A 410 -21.74 3.33 -0.98
CA ASN A 410 -22.46 3.40 0.31
C ASN A 410 -22.61 1.96 0.80
N GLU A 411 -22.03 1.66 1.96
CA GLU A 411 -22.10 0.29 2.44
C GLU A 411 -23.50 -0.08 2.94
N ASP A 412 -24.43 0.88 3.07
CA ASP A 412 -25.80 0.59 3.55
C ASP A 412 -26.74 1.47 2.71
N THR A 413 -26.96 1.03 1.46
CA THR A 413 -27.62 1.88 0.48
C THR A 413 -28.99 2.35 0.94
N ASP A 414 -29.77 1.46 1.57
CA ASP A 414 -31.16 1.78 1.92
C ASP A 414 -31.29 2.42 3.29
N GLY A 415 -30.21 2.49 4.07
CA GLY A 415 -30.21 3.10 5.40
C GLY A 415 -30.73 2.26 6.55
N ASP A 416 -31.04 0.98 6.34
CA ASP A 416 -31.72 0.22 7.39
C ASP A 416 -30.77 -0.39 8.42
N GLY A 417 -29.47 -0.12 8.31
CA GLY A 417 -28.52 -0.64 9.28
C GLY A 417 -27.95 -2.01 8.96
N LYS A 418 -28.49 -2.70 7.97
CA LYS A 418 -27.89 -3.92 7.46
C LYS A 418 -27.10 -3.58 6.20
N ASN A 419 -25.80 -3.93 6.19
CA ASN A 419 -24.94 -3.55 5.06
C ASN A 419 -25.25 -4.41 3.82
N ASP A 420 -24.91 -3.84 2.64
CA ASP A 420 -25.38 -4.37 1.36
C ASP A 420 -25.02 -5.84 1.17
N GLY A 421 -23.74 -6.18 1.30
CA GLY A 421 -23.34 -7.57 1.16
C GLY A 421 -24.03 -8.48 2.17
N ASP A 422 -24.05 -8.06 3.44
CA ASP A 422 -24.78 -8.83 4.46
C ASP A 422 -26.22 -9.08 4.01
N GLU A 423 -26.88 -8.06 3.50
CA GLU A 423 -28.25 -8.24 3.06
C GLU A 423 -28.35 -9.26 1.92
N VAL A 424 -27.50 -9.13 0.90
CA VAL A 424 -27.57 -10.07 -0.21
C VAL A 424 -27.24 -11.47 0.26
N VAL A 425 -26.24 -11.61 1.12
CA VAL A 425 -25.66 -12.90 1.46
C VAL A 425 -26.23 -13.46 2.74
N ASN A 426 -26.35 -12.64 3.79
CA ASN A 426 -26.70 -13.19 5.10
C ASN A 426 -28.21 -13.15 5.33
N TYR A 427 -28.81 -11.97 5.25
CA TYR A 427 -30.24 -11.85 5.53
C TYR A 427 -31.09 -12.32 4.37
N LYS A 428 -30.54 -12.34 3.17
CA LYS A 428 -31.28 -12.63 1.93
C LYS A 428 -32.47 -11.68 1.82
N THR A 429 -32.22 -10.42 2.15
CA THR A 429 -33.18 -9.34 1.99
C THR A 429 -32.64 -8.35 0.98
N SER A 430 -33.56 -7.59 0.41
CA SER A 430 -33.16 -6.59 -0.55
C SER A 430 -32.33 -5.49 0.11
N PRO A 431 -31.16 -5.17 -0.45
CA PRO A 431 -30.37 -4.03 0.01
C PRO A 431 -30.90 -2.70 -0.49
N LEU A 432 -32.00 -2.72 -1.25
CA LEU A 432 -32.63 -1.53 -1.78
C LEU A 432 -33.92 -1.19 -1.04
N VAL A 433 -34.26 -1.97 -0.01
CA VAL A 433 -35.55 -1.84 0.69
C VAL A 433 -35.27 -1.78 2.18
N GLY A 434 -35.48 -0.61 2.79
CA GLY A 434 -35.32 -0.44 4.22
C GLY A 434 -36.40 -1.07 5.08
N LYS A 435 -36.53 -0.60 6.31
CA LYS A 435 -37.43 -1.20 7.29
C LYS A 435 -38.83 -0.61 7.15
N PRO A 436 -39.85 -1.44 6.98
CA PRO A 436 -41.21 -0.90 6.87
C PRO A 436 -41.63 -0.26 8.19
N GLN A 437 -42.53 0.72 8.08
CA GLN A 437 -43.10 1.41 9.23
C GLN A 437 -44.62 1.49 9.07
N ALA A 438 -45.35 1.21 10.14
CA ALA A 438 -46.81 1.25 10.07
C ALA A 438 -47.33 1.75 11.40
N ALA A 439 -48.22 2.74 11.37
CA ALA A 439 -48.86 3.23 12.59
C ALA A 439 -49.76 2.15 13.17
N ASP A 440 -49.84 2.13 14.51
CA ASP A 440 -50.82 1.28 15.19
C ASP A 440 -52.24 1.64 14.74
N ILE A 441 -53.13 0.65 14.71
CA ILE A 441 -54.53 0.85 14.38
C ILE A 441 -55.41 0.20 15.46
N THR A 442 -56.74 0.37 15.33
CA THR A 442 -57.66 -0.27 16.26
C THR A 442 -58.40 -1.42 15.58
N THR A 443 -59.10 -2.20 16.40
CA THR A 443 -59.94 -3.30 15.92
C THR A 443 -61.08 -2.83 15.02
N GLU A 444 -61.39 -1.51 14.97
CA GLU A 444 -62.41 -1.00 14.07
C GLU A 444 -61.85 -0.50 12.74
N ASP A 445 -60.54 -0.39 12.62
CA ASP A 445 -59.92 0.10 11.38
C ASP A 445 -59.88 -0.99 10.32
N THR A 446 -59.90 -0.56 9.06
CA THR A 446 -59.92 -1.48 7.93
C THR A 446 -58.72 -1.31 7.00
N VAL A 447 -57.75 -0.46 7.37
CA VAL A 447 -56.56 -0.25 6.54
C VAL A 447 -55.35 -0.13 7.45
N VAL A 448 -54.26 -0.79 7.08
CA VAL A 448 -52.94 -0.59 7.69
C VAL A 448 -52.18 0.33 6.76
N SER A 449 -51.88 1.55 7.21
CA SER A 449 -51.17 2.53 6.41
C SER A 449 -49.75 2.72 6.93
N GLY A 450 -48.81 2.90 5.99
CA GLY A 450 -47.43 3.15 6.37
C GLY A 450 -46.58 3.38 5.13
N SER A 451 -45.28 3.19 5.29
CA SER A 451 -44.33 3.43 4.21
C SER A 451 -43.07 2.62 4.47
N VAL A 452 -42.21 2.56 3.46
CA VAL A 452 -40.95 1.84 3.58
C VAL A 452 -39.95 2.48 2.63
N PRO A 453 -38.69 2.66 3.04
CA PRO A 453 -37.71 3.26 2.12
C PRO A 453 -37.45 2.32 0.95
N LEU A 454 -37.61 2.85 -0.26
CA LEU A 454 -37.31 2.14 -1.50
C LEU A 454 -36.26 2.93 -2.27
N LYS A 455 -35.20 2.25 -2.67
CA LYS A 455 -34.08 2.88 -3.36
C LYS A 455 -34.18 2.63 -4.87
N GLU A 456 -33.40 3.40 -5.64
CA GLU A 456 -33.73 3.64 -7.05
C GLU A 456 -33.87 2.34 -7.84
N GLY A 457 -33.15 1.29 -7.49
CA GLY A 457 -33.31 0.08 -8.27
C GLY A 457 -34.33 -0.91 -7.77
N ALA A 458 -35.05 -0.59 -6.70
CA ALA A 458 -35.93 -1.57 -6.06
C ALA A 458 -36.97 -2.12 -7.05
N ALA A 459 -37.26 -3.40 -6.89
CA ALA A 459 -38.34 -4.06 -7.61
C ALA A 459 -39.70 -3.61 -7.06
N THR A 460 -40.77 -4.07 -7.70
CA THR A 460 -42.11 -3.80 -7.17
C THR A 460 -42.36 -4.68 -5.97
N GLN A 461 -42.68 -4.07 -4.83
CA GLN A 461 -42.86 -4.79 -3.58
C GLN A 461 -44.33 -5.06 -3.31
N THR A 462 -44.58 -6.12 -2.53
CA THR A 462 -45.90 -6.44 -2.01
C THR A 462 -45.85 -6.38 -0.48
N ALA A 463 -46.76 -5.62 0.10
CA ALA A 463 -46.88 -5.53 1.54
C ALA A 463 -47.94 -6.51 2.03
N LYS A 464 -47.63 -7.18 3.13
CA LYS A 464 -48.50 -8.18 3.71
C LYS A 464 -48.66 -7.88 5.19
N VAL A 465 -49.89 -7.97 5.69
CA VAL A 465 -50.17 -7.94 7.12
C VAL A 465 -50.42 -9.36 7.59
N ILE A 466 -49.63 -9.80 8.56
CA ILE A 466 -49.60 -11.18 9.03
C ILE A 466 -49.77 -11.15 10.55
N ASN A 467 -50.69 -11.98 11.06
CA ASN A 467 -50.91 -12.03 12.50
C ASN A 467 -49.82 -12.86 13.18
N ALA A 468 -49.86 -12.90 14.52
CA ALA A 468 -48.83 -13.54 15.31
C ALA A 468 -48.72 -15.04 15.05
N GLU A 469 -49.78 -15.69 14.58
CA GLU A 469 -49.73 -17.10 14.26
C GLU A 469 -49.28 -17.37 12.83
N GLY A 470 -48.87 -16.34 12.10
CA GLY A 470 -48.37 -16.52 10.74
C GLY A 470 -49.41 -16.49 9.65
N THR A 471 -50.62 -16.01 9.92
CA THR A 471 -51.67 -15.96 8.91
C THR A 471 -51.72 -14.58 8.28
N THR A 472 -51.58 -14.55 6.95
CA THR A 472 -51.73 -13.32 6.19
C THR A 472 -53.19 -12.87 6.22
N VAL A 473 -53.44 -11.65 6.67
CA VAL A 473 -54.80 -11.13 6.71
C VAL A 473 -55.05 -10.01 5.69
N GLY A 474 -54.01 -9.45 5.09
CA GLY A 474 -54.19 -8.51 3.99
C GLY A 474 -52.92 -8.39 3.18
N THR A 475 -53.08 -7.98 1.91
CA THR A 475 -51.94 -7.73 1.03
C THR A 475 -52.25 -6.55 0.12
N ALA A 476 -51.18 -5.87 -0.32
CA ALA A 476 -51.32 -4.77 -1.26
C ALA A 476 -49.98 -4.55 -1.98
N THR A 477 -50.05 -3.81 -3.09
CA THR A 477 -48.84 -3.39 -3.78
C THR A 477 -48.34 -2.08 -3.19
N VAL A 478 -47.05 -2.05 -2.84
CA VAL A 478 -46.44 -0.81 -2.37
C VAL A 478 -46.32 0.16 -3.54
N ASN A 479 -46.74 1.41 -3.32
CA ASN A 479 -46.60 2.44 -4.34
C ASN A 479 -45.12 2.76 -4.56
N SER A 480 -44.83 3.42 -5.67
CA SER A 480 -43.43 3.65 -6.02
C SER A 480 -42.75 4.58 -5.01
N ASP A 481 -43.51 5.46 -4.36
CA ASP A 481 -42.94 6.36 -3.36
C ASP A 481 -42.75 5.69 -1.98
N GLY A 482 -42.97 4.38 -1.87
CA GLY A 482 -42.80 3.68 -0.62
C GLY A 482 -44.06 3.54 0.22
N THR A 483 -45.09 4.34 -0.01
CA THR A 483 -46.29 4.24 0.81
C THR A 483 -47.11 2.99 0.46
N PHE A 484 -47.91 2.54 1.44
CA PHE A 484 -48.81 1.43 1.21
C PHE A 484 -50.07 1.57 2.06
N SER A 485 -51.13 0.92 1.58
CA SER A 485 -52.46 0.91 2.22
C SER A 485 -53.00 -0.50 2.02
N VAL A 486 -52.91 -1.32 3.06
CA VAL A 486 -53.32 -2.72 3.01
C VAL A 486 -54.72 -2.82 3.61
N SER A 487 -55.67 -3.32 2.82
CA SER A 487 -57.03 -3.57 3.32
C SER A 487 -57.03 -4.81 4.20
N ILE A 488 -57.67 -4.70 5.37
CA ILE A 488 -57.80 -5.82 6.32
C ILE A 488 -59.22 -5.82 6.88
N PRO A 489 -59.67 -6.94 7.41
CA PRO A 489 -60.92 -6.93 8.19
C PRO A 489 -60.73 -6.17 9.48
N ASN A 490 -61.84 -5.79 10.09
CA ASN A 490 -61.80 -5.49 11.51
C ASN A 490 -61.19 -6.69 12.20
N SER A 491 -60.02 -6.51 12.81
CA SER A 491 -59.19 -7.64 13.18
C SER A 491 -59.02 -7.76 14.70
N PRO A 492 -58.68 -8.95 15.18
CA PRO A 492 -58.42 -9.11 16.63
C PRO A 492 -57.23 -8.28 17.09
N GLU A 493 -57.31 -7.81 18.34
CA GLU A 493 -56.18 -7.07 18.89
C GLU A 493 -54.95 -7.97 18.95
N GLY A 494 -53.79 -7.36 18.88
CA GLY A 494 -52.55 -8.09 19.05
C GLY A 494 -51.42 -7.48 18.25
N THR A 495 -50.29 -8.17 18.28
CA THR A 495 -49.10 -7.75 17.55
C THR A 495 -49.13 -8.37 16.16
N TYR A 496 -49.01 -7.53 15.14
CA TYR A 496 -49.02 -7.93 13.75
C TYR A 496 -47.69 -7.58 13.08
N THR A 497 -47.37 -8.30 12.02
CA THR A 497 -46.19 -8.03 11.20
C THR A 497 -46.61 -7.33 9.91
N ILE A 498 -45.90 -6.26 9.56
CA ILE A 498 -45.99 -5.68 8.23
C ILE A 498 -44.74 -6.14 7.48
N ALA A 499 -44.93 -6.94 6.44
CA ALA A 499 -43.85 -7.56 5.70
C ALA A 499 -43.85 -7.04 4.27
N ILE A 500 -42.66 -6.64 3.79
CA ILE A 500 -42.45 -6.10 2.46
C ILE A 500 -41.68 -7.14 1.64
N ASP A 501 -42.34 -7.68 0.62
CA ASP A 501 -41.88 -8.83 -0.13
C ASP A 501 -41.37 -8.37 -1.49
N SER A 502 -40.09 -8.62 -1.75
CA SER A 502 -39.46 -8.39 -3.05
C SER A 502 -39.45 -9.70 -3.85
N PRO A 503 -39.64 -9.66 -5.17
CA PRO A 503 -39.56 -10.91 -5.95
C PRO A 503 -38.14 -11.42 -6.16
N ASN A 504 -37.13 -10.65 -5.79
CA ASN A 504 -35.75 -11.05 -6.07
C ASN A 504 -35.01 -11.59 -4.86
N TYR A 505 -35.65 -11.60 -3.69
CA TYR A 505 -34.99 -12.02 -2.47
C TYR A 505 -35.91 -12.95 -1.69
N ASP A 506 -35.31 -13.92 -1.01
CA ASP A 506 -36.08 -14.93 -0.31
C ASP A 506 -36.85 -14.36 0.87
N ASN A 507 -36.31 -13.36 1.56
CA ASN A 507 -36.86 -12.88 2.84
C ASN A 507 -37.40 -11.48 2.72
N ASP A 508 -38.44 -11.19 3.52
CA ASP A 508 -39.09 -9.88 3.51
C ASP A 508 -38.43 -8.95 4.51
N GLU A 509 -38.54 -7.65 4.25
CA GLU A 509 -38.25 -6.65 5.28
C GLU A 509 -39.47 -6.53 6.18
N VAL A 510 -39.26 -6.64 7.50
CA VAL A 510 -40.35 -6.78 8.47
C VAL A 510 -40.26 -5.70 9.54
N ASN A 511 -41.43 -5.35 10.08
CA ASN A 511 -41.56 -4.61 11.31
C ASN A 511 -42.86 -5.09 11.96
N THR A 512 -43.08 -4.73 13.22
CA THR A 512 -44.33 -5.06 13.91
C THR A 512 -45.10 -3.80 14.27
N PHE A 513 -46.42 -3.93 14.32
CA PHE A 513 -47.29 -2.86 14.78
C PHE A 513 -48.41 -3.50 15.59
N GLU A 514 -49.20 -2.66 16.25
CA GLU A 514 -50.26 -3.14 17.12
C GLU A 514 -51.64 -2.81 16.56
N ILE A 515 -52.54 -3.80 16.65
CA ILE A 515 -53.97 -3.57 16.55
C ILE A 515 -54.50 -3.58 17.98
N VAL A 516 -55.03 -2.44 18.41
CA VAL A 516 -55.35 -2.23 19.81
C VAL A 516 -56.87 -2.22 19.98
N ASP A 517 -57.31 -2.35 21.23
CA ASP A 517 -58.71 -2.18 21.60
C ASP A 517 -59.28 -0.89 21.01
N ASN A 518 -60.50 -0.95 20.46
CA ASN A 518 -61.03 0.22 19.76
C ASN A 518 -61.45 1.36 20.69
N SER A 519 -61.38 1.20 22.01
CA SER A 519 -61.54 2.34 22.90
C SER A 519 -60.25 3.12 23.09
N LYS A 520 -59.13 2.67 22.51
CA LYS A 520 -57.83 3.31 22.66
C LYS A 520 -57.53 4.26 21.51
N LEU A 521 -56.53 5.13 21.72
CA LEU A 521 -56.11 6.10 20.72
C LEU A 521 -54.59 6.01 20.55
N PRO A 522 -54.12 5.22 19.60
CA PRO A 522 -52.68 5.08 19.41
C PRO A 522 -52.05 6.34 18.83
N ALA A 523 -50.74 6.45 19.02
CA ALA A 523 -50.00 7.54 18.43
C ALA A 523 -50.11 7.45 16.90
N PRO A 524 -50.22 8.58 16.20
CA PRO A 524 -50.14 8.53 14.74
C PRO A 524 -48.69 8.37 14.28
N SER A 525 -48.45 8.45 12.97
CA SER A 525 -47.10 8.45 12.42
C SER A 525 -47.03 9.41 11.25
N ILE A 526 -45.80 9.84 10.92
CA ILE A 526 -45.54 10.75 9.81
C ILE A 526 -44.68 10.05 8.78
N ASN A 527 -45.08 10.12 7.51
CA ASN A 527 -44.24 9.56 6.45
C ASN A 527 -43.04 10.49 6.21
N PRO A 528 -41.93 9.95 5.69
CA PRO A 528 -40.76 10.79 5.44
C PRO A 528 -41.10 12.01 4.58
N VAL A 529 -40.45 13.12 4.87
CA VAL A 529 -40.70 14.40 4.20
C VAL A 529 -39.36 15.00 3.79
N ASP A 530 -39.26 15.44 2.54
CA ASP A 530 -38.06 16.15 2.09
C ASP A 530 -38.44 17.59 1.71
N ASP A 531 -37.40 18.39 1.47
CA ASP A 531 -37.54 19.82 1.22
C ASP A 531 -38.06 20.15 -0.17
N ASN A 532 -38.56 19.15 -0.90
CA ASN A 532 -39.28 19.36 -2.14
C ASN A 532 -40.76 19.04 -2.00
N ASP A 533 -41.16 18.44 -0.88
CA ASP A 533 -42.54 18.01 -0.67
C ASP A 533 -43.40 19.16 -0.17
N GLN A 534 -44.53 19.39 -0.83
CA GLN A 534 -45.52 20.37 -0.40
C GLN A 534 -46.57 19.79 0.53
N GLN A 535 -46.48 18.52 0.89
CA GLN A 535 -47.50 17.87 1.69
C GLN A 535 -46.84 16.91 2.67
N ILE A 536 -47.48 16.76 3.84
CA ILE A 536 -47.03 15.88 4.90
C ILE A 536 -48.10 14.80 5.09
N VAL A 537 -47.79 13.57 4.69
CA VAL A 537 -48.72 12.45 4.83
C VAL A 537 -48.60 11.87 6.24
N VAL A 538 -49.75 11.68 6.90
CA VAL A 538 -49.81 11.11 8.25
C VAL A 538 -50.72 9.89 8.23
N ASN A 539 -50.44 8.97 9.15
CA ASN A 539 -51.20 7.73 9.34
C ASN A 539 -51.74 7.69 10.77
N GLY A 540 -52.96 7.20 10.92
CA GLY A 540 -53.58 7.16 12.23
C GLY A 540 -54.97 6.57 12.13
N THR A 541 -55.57 6.35 13.30
CA THR A 541 -56.86 5.68 13.29
C THR A 541 -57.92 6.54 12.60
N SER A 542 -58.87 5.87 11.98
CA SER A 542 -59.89 6.56 11.21
C SER A 542 -60.77 7.41 12.13
N GLY A 543 -61.09 8.61 11.66
CA GLY A 543 -61.87 9.56 12.43
C GLY A 543 -61.10 10.35 13.47
N SER A 544 -59.84 10.03 13.72
CA SER A 544 -59.01 10.86 14.57
C SER A 544 -58.48 12.05 13.78
N THR A 545 -58.25 13.16 14.48
CA THR A 545 -57.64 14.33 13.88
C THR A 545 -56.18 14.40 14.30
N VAL A 546 -55.29 14.47 13.33
CA VAL A 546 -53.84 14.46 13.54
C VAL A 546 -53.30 15.87 13.30
N THR A 547 -52.50 16.36 14.24
CA THR A 547 -51.88 17.68 14.17
C THR A 547 -50.37 17.52 14.20
N VAL A 548 -49.69 18.18 13.26
CA VAL A 548 -48.23 18.07 13.11
C VAL A 548 -47.60 19.38 13.55
N THR A 549 -46.59 19.28 14.41
CA THR A 549 -45.85 20.44 14.89
C THR A 549 -44.37 20.19 14.68
N ASP A 550 -43.60 21.27 14.54
CA ASP A 550 -42.16 21.17 14.45
C ASP A 550 -41.56 21.21 15.86
N SER A 551 -40.24 21.32 15.95
CA SER A 551 -39.58 21.36 17.25
C SER A 551 -39.95 22.59 18.08
N ASN A 552 -40.55 23.61 17.46
CA ASN A 552 -41.00 24.80 18.16
C ASN A 552 -42.50 24.81 18.39
N ASN A 553 -43.15 23.66 18.25
CA ASN A 553 -44.59 23.46 18.48
C ASN A 553 -45.47 24.29 17.56
N ASN A 554 -44.90 24.86 16.51
CA ASN A 554 -45.70 25.58 15.53
C ASN A 554 -46.58 24.59 14.78
N VAL A 555 -47.89 24.81 14.82
CA VAL A 555 -48.83 23.94 14.11
C VAL A 555 -48.63 24.15 12.62
N LEU A 556 -47.96 23.21 11.97
CA LEU A 556 -47.80 23.28 10.52
C LEU A 556 -49.05 22.82 9.77
N GLY A 557 -49.95 22.10 10.44
CA GLY A 557 -51.16 21.64 9.79
C GLY A 557 -51.92 20.61 10.60
N THR A 558 -53.21 20.46 10.29
CA THR A 558 -54.06 19.49 10.96
C THR A 558 -54.94 18.83 9.91
N VAL A 559 -55.26 17.55 10.13
CA VAL A 559 -56.14 16.84 9.22
C VAL A 559 -56.89 15.77 10.00
N THR A 560 -58.17 15.60 9.66
CA THR A 560 -58.97 14.49 10.15
C THR A 560 -58.87 13.33 9.17
N ILE A 561 -58.58 12.15 9.70
CA ILE A 561 -58.44 10.95 8.86
C ILE A 561 -59.83 10.43 8.49
N PRO A 562 -60.09 10.19 7.20
CA PRO A 562 -61.46 9.87 6.76
C PRO A 562 -61.92 8.47 7.18
N ALA A 563 -63.22 8.26 6.96
CA ALA A 563 -63.99 7.22 7.66
C ALA A 563 -63.55 5.80 7.31
N ASP A 564 -63.02 5.58 6.11
CA ASP A 564 -62.70 4.23 5.66
C ASP A 564 -61.23 4.14 5.26
N ASP A 565 -60.37 4.89 5.93
CA ASP A 565 -58.94 4.91 5.64
C ASP A 565 -58.18 5.18 6.93
N THR A 566 -56.85 5.05 6.87
CA THR A 566 -56.02 5.31 8.03
C THR A 566 -54.81 6.16 7.66
N SER A 567 -54.93 6.94 6.58
CA SER A 567 -53.91 7.91 6.20
C SER A 567 -54.59 9.12 5.59
N ALA A 568 -53.97 10.28 5.79
CA ALA A 568 -54.50 11.54 5.27
C ALA A 568 -53.34 12.47 4.96
N ALA A 569 -53.67 13.62 4.37
CA ALA A 569 -52.68 14.56 3.87
C ALA A 569 -52.81 15.90 4.55
N ILE A 570 -51.68 16.53 4.83
CA ILE A 570 -51.61 17.92 5.25
C ILE A 570 -50.91 18.72 4.16
N ASN A 571 -51.47 19.88 3.83
CA ASN A 571 -50.89 20.75 2.81
C ASN A 571 -50.26 21.97 3.45
N VAL A 572 -49.12 22.39 2.91
CA VAL A 572 -48.38 23.54 3.38
C VAL A 572 -48.04 24.40 2.17
N ASP A 573 -47.83 25.70 2.44
CA ASP A 573 -47.55 26.64 1.36
C ASP A 573 -46.15 26.42 0.79
N THR A 574 -45.14 26.47 1.64
CA THR A 574 -43.74 26.33 1.31
C THR A 574 -43.18 25.02 1.89
N PRO A 575 -42.37 24.30 1.12
CA PRO A 575 -41.77 23.07 1.66
C PRO A 575 -40.90 23.40 2.86
N LEU A 576 -40.57 22.37 3.63
CA LEU A 576 -39.85 22.58 4.87
C LEU A 576 -38.35 22.48 4.64
N GLU A 577 -37.59 23.20 5.45
CA GLU A 577 -36.14 23.18 5.35
C GLU A 577 -35.60 21.85 5.85
N ALA A 578 -34.62 21.31 5.11
CA ALA A 578 -33.97 20.08 5.54
C ALA A 578 -33.42 20.24 6.94
N GLY A 579 -33.76 19.29 7.80
CA GLY A 579 -33.31 19.28 9.18
C GLY A 579 -34.39 19.62 10.19
N THR A 580 -35.52 20.18 9.74
CA THR A 580 -36.62 20.44 10.66
C THR A 580 -37.21 19.12 11.15
N VAL A 581 -37.51 19.07 12.45
CA VAL A 581 -37.98 17.85 13.09
C VAL A 581 -39.48 17.95 13.30
N LEU A 582 -40.18 16.86 12.98
CA LEU A 582 -41.64 16.81 13.00
C LEU A 582 -42.12 15.78 14.00
N THR A 583 -43.15 16.14 14.76
CA THR A 583 -43.87 15.19 15.60
C THR A 583 -45.37 15.39 15.37
N SER A 584 -46.17 14.46 15.90
CA SER A 584 -47.61 14.59 15.76
C SER A 584 -48.30 13.92 16.93
N THR A 585 -49.52 14.38 17.19
CA THR A 585 -50.43 13.70 18.12
C THR A 585 -51.81 13.64 17.46
N ALA A 586 -52.60 12.68 17.89
CA ALA A 586 -53.96 12.51 17.40
C ALA A 586 -54.94 12.70 18.54
N SER A 587 -56.16 13.14 18.20
CA SER A 587 -57.22 13.26 19.19
C SER A 587 -58.52 12.73 18.61
N LYS A 588 -59.35 12.19 19.49
CA LYS A 588 -60.62 11.57 19.12
C LYS A 588 -61.45 11.25 20.36
N ASP A 589 -62.69 11.71 20.39
CA ASP A 589 -63.63 11.33 21.44
C ASP A 589 -63.12 11.71 22.83
N GLY A 590 -62.46 12.87 22.92
CA GLY A 590 -61.92 13.38 24.17
C GLY A 590 -60.59 12.80 24.58
N LYS A 591 -60.03 11.86 23.83
CA LYS A 591 -58.72 11.31 24.10
C LYS A 591 -57.67 12.07 23.30
N THR A 592 -56.45 12.09 23.85
CA THR A 592 -55.28 12.61 23.14
C THR A 592 -54.19 11.56 23.19
N SER A 593 -53.67 11.20 22.01
CA SER A 593 -52.65 10.18 21.89
C SER A 593 -51.30 10.66 22.41
N ASP A 594 -50.40 9.70 22.61
CA ASP A 594 -48.98 10.00 22.77
C ASP A 594 -48.40 10.63 21.51
N VAL A 595 -47.19 11.19 21.66
CA VAL A 595 -46.52 11.81 20.52
C VAL A 595 -45.99 10.73 19.59
N SER A 596 -46.07 10.98 18.29
CA SER A 596 -45.49 10.06 17.32
C SER A 596 -43.97 10.09 17.40
N ASP A 597 -43.35 9.07 16.81
CA ASP A 597 -41.92 9.11 16.55
C ASP A 597 -41.59 10.35 15.72
N GLN A 598 -40.47 10.98 16.04
CA GLN A 598 -40.08 12.18 15.31
C GLN A 598 -39.62 11.83 13.90
N ILE A 599 -39.81 12.78 12.97
CA ILE A 599 -39.40 12.64 11.59
C ILE A 599 -38.62 13.89 11.21
N THR A 600 -37.43 13.71 10.63
CA THR A 600 -36.58 14.82 10.23
C THR A 600 -36.68 15.01 8.71
N VAL A 601 -36.92 16.26 8.30
CA VAL A 601 -36.99 16.57 6.88
C VAL A 601 -35.60 16.40 6.29
N THR A 602 -35.53 15.74 5.13
CA THR A 602 -34.25 15.43 4.51
C THR A 602 -34.06 16.26 3.24
N ASP A 603 -32.86 16.15 2.70
CA ASP A 603 -32.50 16.84 1.47
C ASP A 603 -33.03 16.05 0.28
N ALA A 604 -33.86 16.70 -0.54
CA ALA A 604 -34.60 16.01 -1.59
C ALA A 604 -33.72 15.44 -2.69
N THR A 605 -32.42 15.73 -2.71
CA THR A 605 -31.52 15.15 -3.70
C THR A 605 -30.36 14.39 -3.06
N ALA A 606 -30.46 14.10 -1.76
CA ALA A 606 -29.52 13.16 -1.15
C ALA A 606 -30.12 11.75 -1.22
N PRO A 607 -29.35 10.75 -1.70
CA PRO A 607 -29.88 9.39 -1.85
C PRO A 607 -30.08 8.68 -0.51
N LEU B 14 0.15 17.37 3.75
CA LEU B 14 1.27 17.95 3.01
C LEU B 14 2.40 16.94 2.81
N VAL B 15 2.18 15.70 3.28
CA VAL B 15 3.06 14.58 2.95
C VAL B 15 2.52 13.95 1.66
N PRO B 16 3.30 13.90 0.58
CA PRO B 16 2.79 13.37 -0.69
C PRO B 16 2.72 11.84 -0.71
N ARG B 17 1.96 11.34 -1.68
CA ARG B 17 1.63 9.92 -1.79
C ARG B 17 2.87 9.01 -1.79
N GLY B 18 3.82 9.26 -2.66
CA GLY B 18 4.94 8.34 -2.81
C GLY B 18 6.15 8.54 -1.93
N SER B 19 6.00 9.24 -0.81
CA SER B 19 7.14 9.48 0.05
C SER B 19 7.28 8.44 1.14
N HIS B 20 8.52 8.18 1.52
CA HIS B 20 8.88 7.33 2.64
C HIS B 20 9.76 8.11 3.60
N MET B 21 9.74 7.70 4.86
CA MET B 21 10.42 8.41 5.93
C MET B 21 11.75 7.74 6.24
N LYS B 22 12.75 8.56 6.51
CA LYS B 22 14.02 8.05 7.03
C LYS B 22 13.82 7.54 8.45
N SER B 23 14.41 6.38 8.74
CA SER B 23 14.48 5.89 10.11
C SER B 23 15.59 6.62 10.87
N LEU B 24 15.54 6.54 12.19
CA LEU B 24 16.53 7.17 13.05
C LEU B 24 17.40 6.12 13.72
N GLY B 25 18.67 6.46 13.93
CA GLY B 25 19.56 5.63 14.71
C GLY B 25 19.22 5.70 16.19
N TYR B 26 19.96 4.90 16.96
CA TYR B 26 19.79 4.81 18.40
C TYR B 26 20.96 5.45 19.12
N THR B 27 20.65 6.03 20.28
CA THR B 27 21.64 6.47 21.25
C THR B 27 21.22 5.94 22.61
N ASP B 28 22.19 5.81 23.51
CA ASP B 28 21.93 5.28 24.84
C ASP B 28 21.87 6.41 25.85
N ASN B 29 20.85 6.37 26.70
CA ASN B 29 20.76 7.26 27.86
C ASN B 29 19.88 6.52 28.85
N TYR B 30 20.51 5.93 29.86
CA TYR B 30 19.89 5.04 30.82
C TYR B 30 18.97 5.75 31.81
N THR B 31 18.89 7.08 31.77
CA THR B 31 18.01 7.78 32.69
C THR B 31 16.55 7.82 32.20
N PHE B 32 16.31 7.51 30.93
CA PHE B 32 14.95 7.52 30.39
C PHE B 32 14.36 6.12 30.43
N ALA B 33 13.25 5.98 31.15
CA ALA B 33 12.48 4.74 31.12
C ALA B 33 11.65 4.67 29.83
N SER B 34 10.94 3.56 29.66
CA SER B 34 10.09 3.40 28.49
C SER B 34 8.86 4.29 28.61
N MET B 35 8.52 4.97 27.54
CA MET B 35 7.30 5.75 27.51
C MET B 35 6.16 4.86 27.03
N LEU B 36 4.95 5.15 27.52
CA LEU B 36 3.78 4.32 27.22
C LEU B 36 2.67 5.20 26.65
N PHE B 37 2.39 5.02 25.37
CA PHE B 37 1.28 5.68 24.70
C PHE B 37 0.03 4.83 24.87
N ASP B 38 -1.02 5.43 25.44
CA ASP B 38 -2.21 4.68 25.88
C ASP B 38 -3.44 5.30 25.23
N PRO B 39 -3.73 4.97 23.96
CA PRO B 39 -4.84 5.63 23.27
C PRO B 39 -6.19 4.93 23.46
N GLY B 40 -7.25 5.67 23.12
CA GLY B 40 -8.56 5.06 23.03
C GLY B 40 -8.66 4.09 21.85
N LYS B 41 -9.59 3.16 21.96
CA LYS B 41 -9.84 2.18 20.92
C LYS B 41 -10.70 2.78 19.82
N LEU B 42 -10.53 2.25 18.61
CA LEU B 42 -11.25 2.73 17.44
C LEU B 42 -12.23 1.66 16.96
N ASP B 43 -12.99 1.09 17.90
CA ASP B 43 -13.70 -0.15 17.67
C ASP B 43 -15.21 0.00 17.84
N SER B 44 -15.72 1.23 17.80
CA SER B 44 -17.15 1.45 17.94
C SER B 44 -17.59 2.56 17.01
N ASP B 45 -18.87 2.51 16.64
CA ASP B 45 -19.47 3.61 15.89
C ASP B 45 -19.30 4.94 16.62
N ASP B 46 -19.53 4.96 17.94
CA ASP B 46 -19.31 6.19 18.69
C ASP B 46 -17.88 6.70 18.47
N ALA B 47 -16.89 5.85 18.75
CA ALA B 47 -15.51 6.23 18.56
C ALA B 47 -15.22 6.60 17.11
N LEU B 48 -15.86 5.90 16.16
CA LEU B 48 -15.61 6.17 14.75
C LEU B 48 -16.27 7.45 14.28
N ASN B 49 -17.31 7.91 14.97
CA ASN B 49 -18.00 9.13 14.60
C ASN B 49 -17.41 10.37 15.27
N SER B 50 -16.28 10.24 15.95
CA SER B 50 -15.58 11.38 16.50
C SER B 50 -14.44 11.73 15.58
N ASN B 51 -14.04 13.01 15.59
CA ASN B 51 -12.83 13.44 14.91
C ASN B 51 -11.65 13.54 15.86
N ILE B 52 -11.75 12.94 17.04
CA ILE B 52 -10.72 12.95 18.07
C ILE B 52 -10.37 11.52 18.42
N ILE B 53 -9.06 11.23 18.45
CA ILE B 53 -8.54 10.02 19.08
C ILE B 53 -7.96 10.42 20.43
N PRO B 54 -8.54 10.00 21.54
CA PRO B 54 -8.00 10.39 22.85
C PRO B 54 -6.88 9.44 23.27
N PHE B 55 -6.02 9.96 24.15
CA PHE B 55 -4.93 9.17 24.69
C PHE B 55 -4.44 9.77 26.01
N ASP B 56 -3.76 8.92 26.78
CA ASP B 56 -2.87 9.34 27.85
C ASP B 56 -1.46 8.94 27.47
N LEU B 57 -0.48 9.62 28.07
CA LEU B 57 0.92 9.30 27.87
C LEU B 57 1.52 9.12 29.25
N HIS B 58 2.06 7.93 29.53
CA HIS B 58 2.65 7.62 30.83
C HIS B 58 4.16 7.50 30.70
N SER B 59 4.87 7.93 31.73
CA SER B 59 6.30 7.65 31.73
C SER B 59 6.85 7.69 33.15
N TYR B 60 8.06 7.17 33.28
CA TYR B 60 8.87 7.27 34.50
C TYR B 60 10.07 8.14 34.16
N MET B 61 10.40 9.09 35.03
CA MET B 61 11.53 9.95 34.74
C MET B 61 12.40 10.14 35.98
N SER B 62 13.71 10.12 35.77
CA SER B 62 14.68 10.33 36.84
C SER B 62 15.10 11.79 36.89
N GLY B 67 16.51 21.07 30.62
CA GLY B 67 16.90 21.52 29.30
C GLY B 67 15.91 21.15 28.23
N ASN B 68 16.14 21.62 27.00
CA ASN B 68 15.30 21.25 25.88
C ASN B 68 15.96 20.23 24.96
N ARG B 69 17.01 19.56 25.43
CA ARG B 69 17.72 18.59 24.58
C ARG B 69 16.82 17.43 24.20
N TYR B 70 16.03 16.91 25.15
CA TYR B 70 15.27 15.68 24.93
C TYR B 70 13.80 15.99 24.69
N LYS B 71 13.26 15.39 23.63
CA LYS B 71 11.92 15.64 23.15
C LYS B 71 11.10 14.34 23.19
N ILE B 72 9.78 14.49 23.25
CA ILE B 72 8.84 13.39 23.13
C ILE B 72 8.36 13.34 21.68
N ASP B 73 8.50 12.19 21.04
CA ASP B 73 8.09 12.04 19.64
C ASP B 73 6.99 11.01 19.53
N LEU B 74 5.92 11.39 18.85
CA LEU B 74 4.80 10.52 18.57
C LEU B 74 4.69 10.37 17.06
N LYS B 75 4.79 9.14 16.59
CA LYS B 75 4.73 8.84 15.16
C LYS B 75 3.48 8.02 14.88
N LEU B 76 2.66 8.49 13.93
CA LEU B 76 1.37 7.89 13.67
C LEU B 76 1.33 7.30 12.26
N ASP B 77 0.55 6.23 12.14
CA ASP B 77 0.29 5.58 10.88
C ASP B 77 -0.10 6.61 9.82
N PRO B 78 0.44 6.49 8.58
CA PRO B 78 0.06 7.44 7.51
C PRO B 78 -1.43 7.57 7.28
N ILE B 79 -2.20 6.50 7.43
CA ILE B 79 -3.66 6.59 7.33
C ILE B 79 -4.19 7.66 8.28
N ILE B 80 -3.67 7.69 9.51
CA ILE B 80 -4.07 8.70 10.49
C ILE B 80 -3.35 10.02 10.24
N ALA B 81 -2.02 9.97 10.10
CA ALA B 81 -1.21 11.19 10.06
C ALA B 81 -1.67 12.14 8.97
N GLU B 82 -2.20 11.61 7.87
CA GLU B 82 -2.64 12.41 6.73
C GLU B 82 -3.75 13.38 7.09
N HIS B 83 -4.46 13.12 8.18
CA HIS B 83 -5.65 13.89 8.52
C HIS B 83 -5.50 14.67 9.83
N VAL B 84 -4.33 14.68 10.43
CA VAL B 84 -4.14 15.29 11.73
C VAL B 84 -4.06 16.80 11.57
N THR B 85 -4.87 17.51 12.36
CA THR B 85 -4.87 18.96 12.44
C THR B 85 -4.17 19.46 13.70
N LYS B 86 -4.19 18.69 14.78
CA LYS B 86 -3.60 19.14 16.03
C LYS B 86 -3.40 17.94 16.95
N ILE B 87 -2.30 17.94 17.68
CA ILE B 87 -2.06 16.99 18.76
C ILE B 87 -1.66 17.78 19.99
N SER B 88 -2.29 17.46 21.12
CA SER B 88 -2.03 18.16 22.37
C SER B 88 -2.35 17.23 23.53
N ALA B 89 -1.80 17.57 24.70
CA ALA B 89 -2.04 16.84 25.93
C ALA B 89 -1.74 17.77 27.09
N ASN B 90 -2.30 17.45 28.24
CA ASN B 90 -2.00 18.17 29.48
C ASN B 90 -0.73 17.64 30.10
N PRO B 91 0.20 18.51 30.50
CA PRO B 91 1.36 18.02 31.25
C PRO B 91 0.88 17.39 32.56
N SER B 92 1.73 16.52 33.11
CA SER B 92 1.38 15.82 34.33
C SER B 92 1.17 16.82 35.45
N GLY B 93 0.02 16.74 36.11
CA GLY B 93 -0.30 17.66 37.18
C GLY B 93 -0.78 19.01 36.74
N SER B 94 -1.20 19.15 35.48
CA SER B 94 -1.73 20.41 34.96
C SER B 94 -2.98 20.13 34.15
N ASN B 95 -3.79 21.17 33.97
CA ASN B 95 -4.99 21.08 33.15
C ASN B 95 -4.94 21.96 31.92
N LYS B 96 -3.78 22.48 31.55
CA LYS B 96 -3.65 23.36 30.41
C LYS B 96 -2.89 22.63 29.31
N PRO B 97 -3.49 22.40 28.14
CA PRO B 97 -2.82 21.61 27.10
C PRO B 97 -1.58 22.30 26.56
N VAL B 98 -0.61 21.46 26.14
CA VAL B 98 0.53 21.90 25.35
C VAL B 98 0.48 21.19 24.00
N GLU B 99 0.89 21.88 22.95
CA GLU B 99 0.70 21.42 21.59
C GLU B 99 1.96 20.74 21.07
N PHE B 100 1.76 19.62 20.38
CA PHE B 100 2.84 18.97 19.65
C PHE B 100 3.04 19.70 18.33
N VAL B 101 4.28 19.66 17.82
CA VAL B 101 4.62 20.29 16.55
C VAL B 101 5.12 19.23 15.59
N ARG B 102 4.57 19.20 14.38
CA ARG B 102 4.95 18.21 13.39
C ARG B 102 6.41 18.39 12.97
N ASN B 103 7.17 17.31 13.04
CA ASN B 103 8.59 17.35 12.68
C ASN B 103 8.77 17.48 11.17
N LYS B 104 9.87 18.10 10.78
CA LYS B 104 10.36 18.06 9.41
C LYS B 104 11.71 17.35 9.40
N ASP B 105 12.07 16.77 8.25
CA ASP B 105 13.27 15.95 8.20
C ASP B 105 14.53 16.80 8.08
N GLU B 106 15.62 16.21 7.59
CA GLU B 106 16.87 16.97 7.46
C GLU B 106 16.79 18.06 6.40
N ASN B 107 15.80 18.02 5.52
CA ASN B 107 15.39 19.19 4.75
C ASN B 107 13.99 19.62 5.20
N GLY B 108 13.18 20.15 4.27
CA GLY B 108 11.93 20.76 4.69
C GLY B 108 10.69 19.92 4.52
N ASN B 109 10.87 18.61 4.36
CA ASN B 109 9.74 17.72 4.13
C ASN B 109 9.10 17.30 5.45
N LEU B 110 7.77 17.34 5.48
CA LEU B 110 7.04 16.89 6.67
C LEU B 110 7.28 15.41 6.92
N THR B 111 7.26 15.04 8.19
CA THR B 111 7.27 13.66 8.59
C THR B 111 5.88 13.31 9.16
N ASP B 112 5.72 12.07 9.59
CA ASP B 112 4.52 11.67 10.31
C ASP B 112 4.76 11.59 11.82
N THR B 113 5.72 12.36 12.32
CA THR B 113 6.09 12.40 13.72
C THR B 113 5.88 13.79 14.29
N TRP B 114 5.13 13.87 15.38
CA TRP B 114 4.86 15.10 16.13
C TRP B 114 5.71 15.13 17.40
N GLU B 115 6.12 16.33 17.79
CA GLU B 115 7.15 16.49 18.81
C GLU B 115 6.73 17.50 19.88
N VAL B 116 7.14 17.22 21.11
CA VAL B 116 6.90 18.11 22.24
C VAL B 116 8.05 17.94 23.22
N ASN B 117 8.31 18.97 24.01
CA ASN B 117 9.39 18.88 24.98
C ASN B 117 9.03 17.86 26.05
N PHE B 118 10.06 17.20 26.59
CA PHE B 118 9.86 16.19 27.62
C PHE B 118 9.51 16.84 28.96
N ILE B 119 10.37 17.74 29.43
CA ILE B 119 10.29 18.25 30.81
C ILE B 119 9.23 19.33 30.91
N ARG B 120 8.27 19.13 31.81
CA ARG B 120 7.13 20.05 31.96
C ARG B 120 7.59 21.48 32.26
N ALA B 121 8.62 21.64 33.09
CA ALA B 121 9.10 22.98 33.43
C ALA B 121 9.70 23.70 32.22
N ASN B 122 10.19 22.94 31.23
CA ASN B 122 10.63 23.49 29.94
C ASN B 122 9.55 23.38 28.88
N ASP B 123 8.30 23.70 29.22
CA ASP B 123 7.16 23.63 28.29
C ASP B 123 6.97 22.22 27.74
N GLY B 124 7.15 21.22 28.58
CA GLY B 124 6.95 19.85 28.18
C GLY B 124 5.79 19.15 28.85
N LEU B 125 5.91 17.83 29.02
CA LEU B 125 4.78 17.04 29.51
C LEU B 125 4.97 16.45 30.90
N PHE B 126 6.21 16.21 31.34
CA PHE B 126 6.43 15.43 32.54
C PHE B 126 7.28 16.18 33.56
N GLY B 127 6.94 16.02 34.84
CA GLY B 127 7.80 16.50 35.90
C GLY B 127 7.22 17.52 36.86
N GLY B 128 5.90 17.73 36.81
CA GLY B 128 5.28 18.62 37.77
C GLY B 128 5.60 20.11 37.65
N LEU B 132 13.19 7.58 40.06
CA LEU B 132 12.10 7.41 39.08
C LEU B 132 10.74 7.62 39.72
N SER B 133 10.03 8.66 39.27
CA SER B 133 8.64 8.88 39.64
C SER B 133 7.75 8.71 38.43
N GLN B 134 6.48 8.42 38.71
CA GLN B 134 5.50 8.11 37.67
C GLN B 134 4.71 9.36 37.35
N TYR B 135 4.63 9.68 36.06
CA TYR B 135 3.86 10.81 35.59
C TYR B 135 2.95 10.37 34.44
N THR B 136 1.76 10.95 34.40
CA THR B 136 0.81 10.72 33.31
C THR B 136 0.42 12.08 32.75
N ALA B 137 0.59 12.25 31.44
CA ALA B 137 0.00 13.36 30.72
C ALA B 137 -1.40 12.94 30.29
N LYS B 138 -2.42 13.68 30.72
CA LYS B 138 -3.79 13.26 30.50
C LYS B 138 -4.44 14.14 29.45
N ASN B 139 -5.63 13.72 29.04
CA ASN B 139 -6.47 14.48 28.13
C ASN B 139 -5.79 14.69 26.79
N GLY B 140 -5.00 13.71 26.37
CA GLY B 140 -4.41 13.77 25.04
C GLY B 140 -5.48 13.69 23.97
N LYS B 141 -5.32 14.50 22.93
CA LYS B 141 -6.27 14.57 21.83
C LYS B 141 -5.52 14.64 20.51
N ILE B 142 -5.73 13.66 19.66
CA ILE B 142 -5.32 13.72 18.26
C ILE B 142 -6.54 14.20 17.48
N GLU B 143 -6.50 15.44 17.02
CA GLU B 143 -7.63 16.05 16.32
C GLU B 143 -7.42 15.88 14.82
N LEU B 144 -8.48 15.48 14.12
CA LEU B 144 -8.45 15.10 12.73
C LEU B 144 -9.43 15.95 11.92
N ASP B 145 -9.11 16.13 10.64
CA ASP B 145 -9.93 16.95 9.74
C ASP B 145 -11.16 16.21 9.22
N ASP B 146 -11.42 15.00 9.70
CA ASP B 146 -12.62 14.24 9.35
C ASP B 146 -12.83 13.24 10.48
N THR B 147 -13.96 12.53 10.43
CA THR B 147 -14.18 11.53 11.47
C THR B 147 -13.22 10.34 11.30
N VAL B 148 -12.99 9.64 12.42
CA VAL B 148 -12.12 8.46 12.38
C VAL B 148 -12.71 7.42 11.43
N GLY B 149 -14.04 7.25 11.47
CA GLY B 149 -14.68 6.26 10.61
C GLY B 149 -14.46 6.52 9.13
N ASN B 150 -14.60 7.78 8.69
CA ASN B 150 -14.37 8.09 7.29
C ASN B 150 -12.91 7.92 6.92
N ILE B 151 -12.01 8.15 7.87
CA ILE B 151 -10.59 8.06 7.58
C ILE B 151 -10.17 6.61 7.39
N ILE B 152 -10.56 5.74 8.33
CA ILE B 152 -10.07 4.36 8.24
C ILE B 152 -10.85 3.48 7.28
N SER B 153 -12.01 3.93 6.78
CA SER B 153 -12.66 3.22 5.68
C SER B 153 -11.94 3.41 4.36
N ASN B 154 -10.90 4.25 4.33
CA ASN B 154 -10.06 4.39 3.16
C ASN B 154 -8.71 3.73 3.42
N ALA B 155 -8.75 2.47 3.84
CA ALA B 155 -7.53 1.73 4.13
C ALA B 155 -7.57 0.40 3.40
N GLY B 156 -7.09 -0.64 4.05
CA GLY B 156 -7.12 -1.99 3.51
C GLY B 156 -7.63 -2.95 4.56
N ASN B 157 -7.12 -4.17 4.52
CA ASN B 157 -7.45 -5.17 5.52
C ASN B 157 -6.77 -4.77 6.82
N LEU B 158 -7.54 -4.19 7.73
CA LEU B 158 -6.97 -3.82 9.03
C LEU B 158 -6.67 -5.02 9.90
N SER B 159 -7.00 -6.23 9.48
CA SER B 159 -6.50 -7.41 10.19
C SER B 159 -5.03 -7.66 9.87
N ASN B 160 -4.56 -7.28 8.68
CA ASN B 160 -3.18 -7.53 8.27
C ASN B 160 -2.28 -6.31 8.35
N ASN B 161 -2.80 -5.15 7.97
CA ASN B 161 -2.09 -3.88 8.05
C ASN B 161 -2.71 -3.08 9.19
N LYS B 162 -2.01 -3.01 10.33
CA LYS B 162 -2.56 -2.32 11.48
C LYS B 162 -2.36 -0.82 11.36
N LEU B 163 -3.07 -0.05 12.18
CA LEU B 163 -2.81 1.38 12.30
C LEU B 163 -1.77 1.52 13.40
N ASN B 164 -0.49 1.63 13.00
CA ASN B 164 0.65 1.56 13.91
C ASN B 164 0.90 2.89 14.61
N HIS B 165 1.49 2.81 15.80
CA HIS B 165 1.94 4.01 16.49
C HIS B 165 3.27 3.70 17.14
N GLN B 166 4.04 4.76 17.36
CA GLN B 166 5.32 4.65 18.04
C GLN B 166 5.54 5.93 18.85
N VAL B 167 6.17 5.77 20.00
CA VAL B 167 6.52 6.89 20.87
C VAL B 167 7.94 6.66 21.37
N PHE B 168 8.69 7.73 21.53
CA PHE B 168 10.05 7.62 22.05
C PHE B 168 10.54 9.01 22.45
N VAL B 169 11.63 9.03 23.18
CA VAL B 169 12.35 10.26 23.47
C VAL B 169 13.43 10.41 22.40
N ARG B 170 13.50 11.58 21.78
CA ARG B 170 14.52 11.86 20.78
C ARG B 170 15.60 12.75 21.38
N ASP B 171 16.85 12.37 21.20
CA ASP B 171 17.98 13.25 21.49
C ASP B 171 18.09 14.26 20.35
N SER B 172 17.67 15.50 20.60
CA SER B 172 17.65 16.49 19.54
C SER B 172 19.04 16.95 19.13
N ARG B 173 20.04 16.75 19.98
CA ARG B 173 21.42 17.08 19.59
C ARG B 173 21.95 16.08 18.57
N GLU B 174 21.63 14.80 18.73
CA GLU B 174 22.16 13.76 17.86
C GLU B 174 21.15 13.27 16.83
N ASN B 175 19.89 13.67 16.92
CA ASN B 175 18.81 13.13 16.09
C ASN B 175 18.79 11.60 16.17
N LYS B 176 18.84 11.09 17.40
CA LYS B 176 18.80 9.65 17.67
C LYS B 176 17.68 9.34 18.64
N ILE B 177 17.24 8.09 18.61
CA ILE B 177 16.23 7.59 19.54
C ILE B 177 16.94 7.07 20.78
N VAL B 178 16.51 7.57 21.95
CA VAL B 178 16.97 7.03 23.22
C VAL B 178 16.42 5.61 23.34
N ARG B 179 17.32 4.62 23.28
CA ARG B 179 16.90 3.24 23.10
C ARG B 179 15.90 2.80 24.16
N THR B 180 16.14 3.14 25.41
CA THR B 180 15.29 2.64 26.49
C THR B 180 13.93 3.34 26.57
N SER B 181 13.71 4.41 25.82
CA SER B 181 12.45 5.13 25.89
C SER B 181 11.39 4.58 24.94
N GLU B 182 11.79 3.72 24.00
CA GLU B 182 10.98 3.40 22.83
C GLU B 182 9.86 2.42 23.16
N SER B 183 8.66 2.73 22.67
CA SER B 183 7.58 1.75 22.71
C SER B 183 6.73 1.97 21.47
N SER B 184 5.97 0.94 21.11
CA SER B 184 5.19 0.96 19.89
C SER B 184 3.90 0.22 20.15
N GLY B 185 3.14 -0.03 19.08
CA GLY B 185 1.86 -0.71 19.18
C GLY B 185 1.01 -0.40 17.95
N TYR B 186 -0.28 -0.66 18.09
CA TYR B 186 -1.22 -0.30 17.05
C TYR B 186 -2.58 -0.07 17.67
N PHE B 187 -3.37 0.81 17.05
CA PHE B 187 -4.73 1.12 17.51
C PHE B 187 -5.62 -0.08 17.29
N LEU B 188 -6.50 -0.35 18.25
CA LEU B 188 -7.41 -1.48 18.14
C LEU B 188 -8.64 -1.05 17.36
N THR B 189 -9.01 -1.83 16.35
CA THR B 189 -10.23 -1.60 15.57
C THR B 189 -11.11 -2.84 15.67
N LYS B 190 -12.26 -2.77 14.99
CA LYS B 190 -13.14 -3.93 14.93
C LYS B 190 -12.44 -5.13 14.30
N ALA B 191 -11.38 -4.91 13.52
CA ALA B 191 -10.64 -6.04 12.96
C ALA B 191 -9.94 -6.85 14.03
N ASP B 192 -9.58 -6.23 15.15
CA ASP B 192 -8.88 -6.90 16.23
C ASP B 192 -9.88 -7.53 17.21
N ASP B 193 -10.69 -8.43 16.67
CA ASP B 193 -11.88 -8.83 17.38
C ASP B 193 -11.55 -9.62 18.64
N ASP B 194 -10.47 -10.41 18.62
CA ASP B 194 -10.15 -11.18 19.82
C ASP B 194 -9.65 -10.27 20.95
N LEU B 195 -8.80 -9.31 20.63
CA LEU B 195 -8.32 -8.35 21.62
C LEU B 195 -9.43 -7.44 22.14
N VAL B 196 -10.36 -7.04 21.25
CA VAL B 196 -11.50 -6.21 21.66
C VAL B 196 -12.40 -6.98 22.62
N ASN B 197 -12.64 -8.27 22.35
CA ASN B 197 -13.43 -9.08 23.28
C ASN B 197 -12.75 -9.20 24.64
N LEU B 198 -11.42 -9.27 24.65
CA LEU B 198 -10.68 -9.36 25.90
C LEU B 198 -10.83 -8.09 26.72
N GLU B 199 -10.63 -6.94 26.06
CA GLU B 199 -10.82 -5.65 26.71
C GLU B 199 -12.25 -5.48 27.25
N ASN B 200 -13.21 -6.17 26.65
CA ASN B 200 -14.60 -6.09 27.09
C ASN B 200 -14.99 -7.20 28.05
N ASN B 201 -14.03 -7.99 28.54
CA ASN B 201 -14.30 -9.06 29.52
C ASN B 201 -13.24 -9.05 30.63
N VAL B 202 -13.01 -7.89 31.24
CA VAL B 202 -11.95 -7.74 32.23
C VAL B 202 -12.24 -8.54 33.50
N SER B 203 -11.19 -9.15 34.05
CA SER B 203 -11.30 -9.94 35.28
C SER B 203 -11.57 -9.05 36.49
N THR B 204 -12.24 -9.61 37.49
CA THR B 204 -12.37 -8.89 38.74
C THR B 204 -11.12 -8.97 39.61
N GLU B 205 -10.19 -9.87 39.34
CA GLU B 205 -9.23 -10.19 40.39
C GLU B 205 -8.45 -9.01 40.97
N ASN B 206 -7.39 -8.58 40.34
CA ASN B 206 -6.57 -7.47 40.80
C ASN B 206 -6.85 -6.28 39.91
N ASN B 207 -8.09 -5.81 40.00
CA ASN B 207 -8.67 -4.93 39.01
C ASN B 207 -8.05 -3.55 39.01
N ASN B 208 -7.47 -3.10 40.13
CA ASN B 208 -6.79 -1.81 40.16
C ASN B 208 -5.26 -1.92 40.21
N ALA B 209 -4.70 -3.10 39.96
CA ALA B 209 -3.26 -3.30 40.15
C ALA B 209 -2.43 -2.57 39.09
N PHE B 210 -2.89 -2.53 37.86
CA PHE B 210 -2.05 -2.09 36.76
C PHE B 210 -2.64 -0.87 36.07
N LYS B 211 -1.77 0.03 35.65
CA LYS B 211 -2.19 1.29 35.06
C LYS B 211 -2.26 1.24 33.54
N ALA B 212 -1.29 0.59 32.89
CA ALA B 212 -1.24 0.62 31.43
C ALA B 212 -0.16 -0.35 31.00
N SER B 213 -0.20 -0.71 29.71
CA SER B 213 0.82 -1.61 29.19
C SER B 213 1.13 -1.27 27.74
N SER B 214 2.39 -1.45 27.39
CA SER B 214 2.80 -1.25 26.00
C SER B 214 4.00 -2.14 25.73
N GLY B 215 4.36 -2.27 24.45
CA GLY B 215 5.43 -3.15 24.06
C GLY B 215 6.45 -2.43 23.20
N SER B 216 7.57 -3.09 23.01
CA SER B 216 8.55 -2.67 22.02
C SER B 216 9.12 -3.92 21.39
N ALA B 217 9.44 -3.82 20.10
CA ALA B 217 9.99 -4.95 19.35
C ALA B 217 11.25 -4.46 18.67
N THR B 218 12.36 -5.16 18.89
CA THR B 218 13.67 -4.73 18.38
C THR B 218 14.40 -5.90 17.78
N TYR B 219 15.48 -5.60 17.05
CA TYR B 219 16.38 -6.59 16.50
C TYR B 219 17.65 -6.61 17.32
N ASN B 220 18.15 -7.80 17.65
CA ASN B 220 19.40 -7.94 18.38
C ASN B 220 20.25 -9.00 17.68
N GLU B 221 21.38 -8.57 17.12
CA GLU B 221 22.22 -9.48 16.35
C GLU B 221 22.89 -10.53 17.23
N ASN B 222 22.99 -10.31 18.53
CA ASN B 222 23.68 -11.25 19.42
C ASN B 222 22.85 -12.46 19.78
N VAL B 223 21.57 -12.49 19.45
CA VAL B 223 20.70 -13.60 19.78
C VAL B 223 21.01 -14.78 18.87
N GLY B 224 21.30 -15.94 19.45
CA GLY B 224 21.54 -17.14 18.66
C GLY B 224 22.65 -16.94 17.66
N GLU B 225 22.59 -17.68 16.56
CA GLU B 225 23.61 -17.57 15.52
C GLU B 225 23.18 -16.70 14.35
N PHE B 226 21.90 -16.36 14.24
CA PHE B 226 21.39 -15.54 13.15
C PHE B 226 20.75 -14.25 13.66
N GLY B 227 20.92 -13.91 14.93
CA GLY B 227 20.27 -12.75 15.49
C GLY B 227 18.87 -13.09 15.97
N GLY B 228 18.21 -12.09 16.54
CA GLY B 228 16.87 -12.33 17.05
C GLY B 228 16.06 -11.06 17.17
N ILE B 229 14.77 -11.27 17.44
CA ILE B 229 13.81 -10.20 17.67
C ILE B 229 13.40 -10.28 19.14
N LEU B 230 13.49 -9.15 19.84
CA LEU B 230 13.09 -9.06 21.25
C LEU B 230 11.76 -8.33 21.33
N ILE B 231 10.77 -8.93 21.99
CA ILE B 231 9.45 -8.33 22.15
C ILE B 231 9.28 -8.12 23.65
N ASP B 232 9.47 -6.88 24.09
CA ASP B 232 9.50 -6.55 25.51
C ASP B 232 8.22 -5.82 25.88
N GLN B 233 7.46 -6.41 26.80
CA GLN B 233 6.24 -5.76 27.28
C GLN B 233 6.50 -5.13 28.64
N GLN B 234 6.00 -3.92 28.83
CA GLN B 234 6.01 -3.28 30.15
C GLN B 234 4.58 -3.14 30.63
N ILE B 235 4.35 -3.44 31.91
CA ILE B 235 3.07 -3.21 32.57
C ILE B 235 3.35 -2.32 33.76
N MET B 236 2.93 -1.07 33.66
CA MET B 236 3.10 -0.11 34.74
C MET B 236 2.06 -0.37 35.82
N LYS B 237 2.50 -0.24 37.07
CA LYS B 237 1.65 -0.47 38.23
C LYS B 237 0.98 0.80 38.72
N ASN B 238 -0.21 0.64 39.31
CA ASN B 238 -0.79 1.75 40.06
C ASN B 238 -0.18 1.87 41.45
N GLY B 239 0.20 0.74 42.06
CA GLY B 239 0.71 0.78 43.42
C GLY B 239 1.85 -0.20 43.63
N ILE B 240 1.66 -1.11 44.59
CA ILE B 240 2.75 -2.02 44.94
C ILE B 240 2.30 -3.46 44.82
N PHE B 241 1.62 -3.76 43.71
CA PHE B 241 1.08 -5.08 43.43
C PHE B 241 2.05 -6.20 43.79
N SER B 242 1.48 -7.25 44.35
CA SER B 242 2.21 -8.47 44.68
C SER B 242 1.40 -9.65 44.15
N TYR B 243 2.04 -10.48 43.31
CA TYR B 243 1.38 -11.64 42.71
C TYR B 243 1.54 -12.84 43.65
N SER B 244 0.41 -13.41 44.08
CA SER B 244 0.41 -14.67 44.84
C SER B 244 -0.96 -15.31 44.70
N LYS B 245 -0.99 -16.51 44.13
CA LYS B 245 -2.24 -17.20 43.87
C LYS B 245 -2.08 -18.64 44.29
N THR B 246 -3.20 -19.27 44.65
CA THR B 246 -3.20 -20.72 44.75
C THR B 246 -2.87 -21.33 43.39
N LYS B 247 -2.49 -22.61 43.42
CA LYS B 247 -2.21 -23.32 42.17
C LYS B 247 -3.39 -23.27 41.20
N ALA B 248 -4.62 -23.44 41.69
CA ALA B 248 -5.78 -23.46 40.81
C ALA B 248 -6.11 -22.09 40.24
N ASN B 249 -5.73 -21.00 40.91
CA ASN B 249 -6.04 -19.65 40.46
C ASN B 249 -4.87 -18.96 39.77
N GLN B 250 -3.84 -19.69 39.37
CA GLN B 250 -2.70 -19.08 38.69
C GLN B 250 -3.13 -18.40 37.38
N TRP B 251 -2.51 -17.26 37.10
CA TRP B 251 -2.70 -16.53 35.87
C TRP B 251 -1.92 -17.19 34.72
N ALA B 252 -2.20 -16.74 33.50
CA ALA B 252 -1.42 -17.16 32.34
C ALA B 252 -0.91 -15.95 31.58
N TYR B 253 0.27 -16.08 30.97
CA TYR B 253 0.77 -15.08 30.04
C TYR B 253 0.47 -15.52 28.61
N ASN B 254 -0.04 -14.60 27.80
CA ASN B 254 -0.53 -14.87 26.46
C ASN B 254 0.21 -13.97 25.48
N TYR B 255 0.54 -14.50 24.29
CA TYR B 255 1.38 -13.74 23.37
C TYR B 255 0.96 -14.03 21.94
N GLN B 256 1.06 -13.01 21.09
CA GLN B 256 0.69 -13.11 19.67
C GLN B 256 1.91 -12.69 18.85
N ILE B 257 2.39 -13.60 18.02
CA ILE B 257 3.54 -13.35 17.16
C ILE B 257 3.04 -13.24 15.72
N ASP B 258 3.43 -12.15 15.04
CA ASP B 258 3.02 -11.91 13.67
C ASP B 258 3.27 -13.15 12.81
N LYS B 259 2.20 -13.64 12.18
CA LYS B 259 2.25 -14.84 11.35
C LYS B 259 3.29 -14.74 10.24
N ASP B 260 3.56 -13.54 9.71
CA ASP B 260 4.54 -13.45 8.62
C ASP B 260 5.98 -13.63 9.07
N LEU B 261 6.27 -13.55 10.37
CA LEU B 261 7.63 -13.87 10.81
C LEU B 261 7.85 -15.36 10.98
N LEU B 262 6.77 -16.14 11.02
CA LEU B 262 6.89 -17.56 11.36
C LEU B 262 7.87 -18.34 10.51
N PRO B 263 7.96 -18.14 9.18
CA PRO B 263 9.00 -18.83 8.39
C PRO B 263 10.42 -18.52 8.83
N TYR B 264 10.64 -17.46 9.60
CA TYR B 264 11.99 -17.07 10.00
C TYR B 264 12.31 -17.41 11.43
N ILE B 265 11.39 -18.01 12.18
CA ILE B 265 11.59 -18.27 13.60
C ILE B 265 12.07 -19.69 13.78
N GLU B 266 13.22 -19.85 14.44
CA GLU B 266 13.71 -21.14 14.87
C GLU B 266 13.18 -21.54 16.25
N GLY B 267 13.07 -20.58 17.17
CA GLY B 267 12.56 -20.88 18.50
C GLY B 267 12.04 -19.63 19.18
N VAL B 268 11.14 -19.85 20.14
CA VAL B 268 10.51 -18.79 20.92
C VAL B 268 10.79 -19.08 22.39
N GLU B 269 11.25 -18.07 23.11
CA GLU B 269 11.64 -18.22 24.50
C GLU B 269 11.07 -17.09 25.34
N LEU B 270 10.81 -17.39 26.61
CA LEU B 270 10.43 -16.40 27.60
C LEU B 270 11.62 -16.07 28.47
N HIS B 271 11.91 -14.78 28.64
CA HIS B 271 13.00 -14.32 29.48
C HIS B 271 12.44 -13.45 30.60
N GLN B 272 13.15 -13.46 31.72
CA GLN B 272 12.82 -12.52 32.78
C GLN B 272 13.48 -11.19 32.48
N TYR B 273 12.78 -10.12 32.84
CA TYR B 273 13.09 -8.79 32.31
C TYR B 273 12.87 -7.71 33.38
N LYS B 283 18.32 -4.18 29.65
CA LYS B 283 17.73 -4.19 28.32
C LYS B 283 18.56 -5.02 27.35
N ASN B 284 19.81 -5.26 27.71
CA ASN B 284 20.65 -6.13 26.90
C ASN B 284 20.10 -7.55 26.94
N TYR B 285 20.29 -8.26 25.84
CA TYR B 285 19.98 -9.68 25.80
C TYR B 285 21.03 -10.47 26.57
N ASP B 286 20.58 -11.48 27.30
CA ASP B 286 21.49 -12.39 28.00
C ASP B 286 20.77 -13.73 28.10
N ALA B 287 21.28 -14.75 27.41
CA ALA B 287 20.64 -16.05 27.44
C ALA B 287 20.47 -16.59 28.86
N LYS B 288 21.20 -16.05 29.83
CA LYS B 288 21.05 -16.44 31.22
C LYS B 288 19.68 -16.06 31.78
N ASN B 289 18.97 -15.15 31.10
CA ASN B 289 17.65 -14.72 31.53
C ASN B 289 16.52 -15.62 31.02
N LYS B 290 16.84 -16.71 30.34
CA LYS B 290 15.82 -17.60 29.82
C LYS B 290 15.11 -18.35 30.95
N VAL B 291 13.79 -18.34 30.93
CA VAL B 291 13.00 -19.06 31.92
C VAL B 291 12.07 -20.11 31.32
N ALA B 292 11.84 -20.11 30.00
CA ALA B 292 11.01 -21.14 29.40
C ALA B 292 11.16 -21.12 27.90
N ASP B 293 10.87 -22.28 27.29
CA ASP B 293 10.58 -22.39 25.87
C ASP B 293 9.09 -22.19 25.67
N LEU B 294 8.72 -21.43 24.64
CA LEU B 294 7.33 -21.12 24.37
C LEU B 294 6.87 -21.79 23.08
N THR B 295 5.60 -22.16 23.03
CA THR B 295 5.04 -22.68 21.80
C THR B 295 4.04 -21.68 21.22
N ILE B 296 3.95 -21.68 19.89
CA ILE B 296 2.99 -20.87 19.15
C ILE B 296 2.23 -21.78 18.22
N ASP B 297 0.99 -21.41 17.92
CA ASP B 297 0.20 -22.19 16.98
C ASP B 297 0.43 -21.66 15.56
N GLU B 298 -0.39 -22.12 14.62
CA GLU B 298 -0.16 -21.83 13.21
C GLU B 298 -0.38 -20.35 12.87
N VAL B 299 -1.03 -19.57 13.73
CA VAL B 299 -1.20 -18.14 13.49
C VAL B 299 -0.33 -17.29 14.42
N GLY B 300 0.56 -17.91 15.19
CA GLY B 300 1.51 -17.19 16.00
C GLY B 300 1.09 -16.97 17.45
N ASN B 301 -0.02 -17.57 17.88
CA ASN B 301 -0.55 -17.36 19.23
C ASN B 301 -0.10 -18.47 20.17
N GLY B 302 0.18 -18.09 21.42
CA GLY B 302 0.54 -19.06 22.43
C GLY B 302 0.20 -18.56 23.82
N THR B 303 0.30 -19.46 24.78
CA THR B 303 0.01 -19.13 26.16
C THR B 303 0.85 -20.00 27.07
N ILE B 304 1.25 -19.45 28.22
CA ILE B 304 2.04 -20.21 29.18
C ILE B 304 1.52 -19.90 30.58
N THR B 305 1.47 -20.94 31.42
CA THR B 305 1.08 -20.79 32.82
C THR B 305 1.99 -21.70 33.64
N SER B 306 1.76 -21.73 34.94
CA SER B 306 2.73 -22.33 35.85
C SER B 306 2.01 -22.61 37.15
N ASP B 307 2.61 -23.46 37.99
CA ASP B 307 2.03 -23.61 39.32
C ASP B 307 2.37 -22.43 40.21
N ASN B 308 3.34 -21.60 39.81
CA ASN B 308 3.65 -20.35 40.51
C ASN B 308 4.26 -19.41 39.48
N LEU B 309 3.44 -18.51 38.94
CA LEU B 309 3.88 -17.65 37.85
C LEU B 309 5.06 -16.75 38.23
N ASN B 310 5.30 -16.54 39.52
CA ASN B 310 6.48 -15.81 39.96
C ASN B 310 7.76 -16.43 39.43
N LYS B 311 7.76 -17.72 39.07
CA LYS B 311 8.97 -18.32 38.55
C LYS B 311 9.25 -17.87 37.12
N LEU B 312 8.23 -17.39 36.41
CA LEU B 312 8.35 -17.01 35.01
C LEU B 312 8.38 -15.52 34.76
N ILE B 313 7.76 -14.73 35.64
CA ILE B 313 7.62 -13.30 35.47
C ILE B 313 8.06 -12.62 36.75
N GLU B 314 8.92 -11.63 36.62
CA GLU B 314 9.33 -10.80 37.75
C GLU B 314 8.27 -9.72 37.95
N PHE B 315 7.36 -9.94 38.90
CA PHE B 315 6.32 -8.95 39.16
C PHE B 315 6.76 -7.84 40.10
N ASN B 316 8.02 -7.83 40.53
CA ASN B 316 8.52 -6.87 41.52
C ASN B 316 7.53 -6.77 42.70
N ASN B 317 7.22 -7.92 43.28
CA ASN B 317 6.21 -8.01 44.32
C ASN B 317 6.47 -7.03 45.48
N ALA B 318 5.43 -6.28 45.85
CA ALA B 318 5.41 -5.32 46.94
C ALA B 318 6.30 -4.11 46.70
N LEU B 319 6.77 -3.91 45.47
CA LEU B 319 7.51 -2.77 44.98
C LEU B 319 6.69 -2.03 43.92
N PRO B 320 6.90 -0.74 43.74
CA PRO B 320 6.15 0.00 42.72
C PRO B 320 6.70 -0.15 41.31
N GLU B 321 7.70 -1.00 41.10
CA GLU B 321 8.43 -1.02 39.84
C GLU B 321 7.61 -1.68 38.72
N THR B 322 7.74 -1.11 37.52
CA THR B 322 7.07 -1.61 36.34
C THR B 322 7.44 -3.07 36.08
N VAL B 323 6.44 -3.88 35.72
CA VAL B 323 6.66 -5.28 35.37
C VAL B 323 7.14 -5.37 33.92
N GLY B 324 8.22 -6.09 33.68
CA GLY B 324 8.72 -6.35 32.33
C GLY B 324 8.57 -7.83 32.00
N VAL B 325 8.21 -8.11 30.74
CA VAL B 325 8.14 -9.47 30.20
C VAL B 325 8.82 -9.47 28.84
N ARG B 326 9.75 -10.40 28.62
CA ARG B 326 10.50 -10.46 27.37
C ARG B 326 10.21 -11.75 26.64
N VAL B 327 9.81 -11.63 25.37
CA VAL B 327 9.71 -12.77 24.48
C VAL B 327 10.84 -12.65 23.46
N VAL B 328 11.56 -13.73 23.23
CA VAL B 328 12.71 -13.77 22.32
C VAL B 328 12.38 -14.69 21.16
N LEU B 329 12.49 -14.16 19.94
CA LEU B 329 12.33 -14.94 18.73
C LEU B 329 13.72 -15.14 18.14
N LYS B 330 14.18 -16.38 18.11
CA LYS B 330 15.49 -16.73 17.55
C LYS B 330 15.33 -16.95 16.05
N LEU B 331 16.06 -16.17 15.25
CA LEU B 331 15.99 -16.31 13.80
C LEU B 331 16.71 -17.57 13.33
N ASN B 332 16.25 -18.11 12.21
CA ASN B 332 16.86 -19.27 11.57
C ASN B 332 17.67 -18.89 10.33
N LYS B 333 17.80 -17.61 10.03
CA LYS B 333 18.59 -17.08 8.92
C LYS B 333 18.65 -15.57 9.15
N SER B 334 19.48 -14.91 8.36
CA SER B 334 19.71 -13.47 8.51
C SER B 334 18.42 -12.66 8.44
N VAL B 335 18.36 -11.62 9.27
CA VAL B 335 17.23 -10.71 9.29
C VAL B 335 17.04 -10.03 7.93
N ASN B 336 18.11 -9.94 7.14
CA ASN B 336 18.03 -9.31 5.82
C ASN B 336 17.26 -10.15 4.81
N ASN B 337 16.93 -11.40 5.12
CA ASN B 337 16.19 -12.27 4.24
C ASN B 337 14.68 -12.08 4.31
N ILE B 338 14.18 -11.21 5.19
CA ILE B 338 12.73 -11.12 5.39
C ILE B 338 12.09 -10.22 4.33
N LEU B 339 12.63 -9.02 4.16
CA LEU B 339 12.10 -8.13 3.15
C LEU B 339 12.40 -8.61 1.75
N THR B 340 13.43 -9.45 1.59
CA THR B 340 13.78 -10.07 0.32
C THR B 340 13.07 -11.42 0.10
N LYS B 341 11.96 -11.68 0.80
CA LYS B 341 11.26 -12.97 0.68
C LYS B 341 10.98 -13.38 -0.77
N ASP B 342 10.34 -12.51 -1.54
CA ASP B 342 9.95 -12.80 -2.93
C ASP B 342 10.96 -12.23 -3.93
N ALA B 343 12.19 -11.97 -3.50
CA ALA B 343 13.15 -11.29 -4.35
C ALA B 343 13.72 -12.20 -5.44
N LYS B 344 14.04 -11.59 -6.58
CA LYS B 344 14.66 -12.30 -7.69
C LYS B 344 16.10 -11.83 -7.85
N TYR B 345 16.93 -12.68 -8.43
CA TYR B 345 18.34 -12.37 -8.61
C TYR B 345 18.71 -12.57 -10.07
N ASP B 346 19.65 -11.75 -10.55
CA ASP B 346 20.03 -11.82 -11.95
C ASP B 346 21.03 -12.95 -12.18
N SER B 347 21.50 -13.06 -13.44
CA SER B 347 22.45 -14.12 -13.81
C SER B 347 23.65 -14.19 -12.88
N GLU B 348 24.21 -13.04 -12.49
CA GLU B 348 25.37 -13.00 -11.59
C GLU B 348 24.99 -13.11 -10.11
N GLY B 349 23.78 -13.56 -9.78
CA GLY B 349 23.38 -13.71 -8.40
C GLY B 349 23.15 -12.44 -7.64
N ASN B 350 23.03 -11.30 -8.32
CA ASN B 350 22.81 -10.02 -7.67
C ASN B 350 21.33 -9.71 -7.55
N LEU B 351 20.96 -9.10 -6.42
CA LEU B 351 19.57 -8.76 -6.15
C LEU B 351 19.01 -7.80 -7.18
N ILE B 352 17.84 -8.14 -7.72
CA ILE B 352 17.08 -7.19 -8.54
C ILE B 352 16.28 -6.33 -7.57
N ARG B 353 16.71 -5.08 -7.39
CA ARG B 353 16.18 -4.24 -6.30
C ARG B 353 14.67 -4.02 -6.42
N GLU B 354 14.16 -4.01 -7.65
CA GLU B 354 12.73 -3.91 -7.90
C GLU B 354 11.94 -5.08 -7.32
N THR B 355 12.60 -6.19 -7.00
CA THR B 355 11.91 -7.36 -6.49
C THR B 355 11.94 -7.46 -4.96
N THR B 356 12.53 -6.48 -4.27
CA THR B 356 12.54 -6.55 -2.81
C THR B 356 11.56 -5.54 -2.23
N LYS B 357 11.17 -5.77 -0.97
CA LYS B 357 10.30 -4.85 -0.26
C LYS B 357 11.09 -3.68 0.33
N GLN B 358 10.53 -2.48 0.25
CA GLN B 358 11.16 -1.36 0.91
C GLN B 358 10.81 -1.28 2.40
N LYS B 359 9.64 -1.78 2.81
CA LYS B 359 9.36 -1.83 4.24
C LYS B 359 8.38 -2.94 4.53
N GLU B 360 8.31 -3.31 5.81
CA GLU B 360 7.30 -4.25 6.27
C GLU B 360 7.15 -4.09 7.78
N ASP B 361 5.91 -3.97 8.23
CA ASP B 361 5.59 -3.91 9.65
C ASP B 361 5.11 -5.26 10.15
N PHE B 362 5.59 -5.64 11.34
CA PHE B 362 5.09 -6.82 12.04
C PHE B 362 4.55 -6.40 13.40
N THR B 363 3.45 -6.99 13.80
CA THR B 363 2.77 -6.59 15.02
C THR B 363 2.68 -7.76 15.98
N PHE B 364 2.61 -7.43 17.27
CA PHE B 364 2.66 -8.39 18.36
C PHE B 364 1.72 -7.92 19.47
N ALA B 365 1.34 -8.87 20.33
CA ALA B 365 0.52 -8.55 21.49
C ALA B 365 0.87 -9.48 22.64
N GLY B 366 0.65 -9.00 23.87
CA GLY B 366 0.84 -9.80 25.06
C GLY B 366 -0.14 -9.34 26.12
N TYR B 367 -0.56 -10.26 26.98
CA TYR B 367 -1.53 -9.92 28.02
C TYR B 367 -1.58 -11.04 29.04
N LEU B 368 -2.03 -10.69 30.25
CA LEU B 368 -2.26 -11.64 31.31
C LEU B 368 -3.76 -11.95 31.41
N THR B 369 -4.07 -13.19 31.74
CA THR B 369 -5.45 -13.61 31.96
C THR B 369 -5.56 -14.35 33.29
N ASP B 370 -6.73 -14.29 33.91
CA ASP B 370 -6.92 -15.08 35.11
C ASP B 370 -7.19 -16.54 34.74
N SER B 371 -7.42 -17.38 35.75
CA SER B 371 -7.63 -18.81 35.51
C SER B 371 -8.93 -19.11 34.75
N LYS B 372 -9.79 -18.14 34.51
CA LYS B 372 -10.95 -18.34 33.66
C LYS B 372 -10.77 -17.69 32.28
N GLY B 373 -9.57 -17.22 31.97
CA GLY B 373 -9.32 -16.62 30.67
C GLY B 373 -9.71 -15.16 30.54
N ALA B 374 -10.19 -14.53 31.61
CA ALA B 374 -10.55 -13.13 31.55
C ALA B 374 -9.29 -12.26 31.66
N LEU B 375 -9.30 -11.12 30.98
CA LEU B 375 -8.11 -10.27 30.90
C LEU B 375 -7.88 -9.57 32.21
N ILE B 376 -6.66 -9.64 32.74
CA ILE B 376 -6.32 -8.80 33.89
C ILE B 376 -6.27 -7.36 33.42
N ASN B 377 -7.01 -6.50 34.12
CA ASN B 377 -7.17 -5.10 33.72
C ASN B 377 -5.84 -4.42 33.41
N ASN B 378 -5.74 -3.86 32.19
CA ASN B 378 -4.65 -3.01 31.74
C ASN B 378 -3.33 -3.76 31.52
N THR B 379 -3.37 -5.06 31.25
CA THR B 379 -2.14 -5.77 30.99
C THR B 379 -1.99 -6.13 29.51
N LEU B 380 -2.87 -5.62 28.64
CA LEU B 380 -2.77 -5.88 27.19
C LEU B 380 -1.83 -4.85 26.58
N GLY B 381 -0.74 -5.33 26.00
CA GLY B 381 0.22 -4.45 25.34
C GLY B 381 0.45 -4.95 23.92
N THR B 382 0.52 -4.01 23.00
CA THR B 382 0.85 -4.37 21.62
C THR B 382 2.20 -3.79 21.28
N SER B 383 2.74 -4.22 20.13
CA SER B 383 3.99 -3.65 19.65
C SER B 383 4.01 -3.80 18.14
N THR B 384 4.91 -3.02 17.51
CA THR B 384 5.16 -3.01 16.09
C THR B 384 6.67 -3.09 15.85
N LEU B 385 7.11 -4.04 15.03
CA LEU B 385 8.49 -4.04 14.51
C LEU B 385 8.45 -3.47 13.09
N ALA B 386 9.01 -2.27 12.91
CA ALA B 386 8.97 -1.55 11.64
C ALA B 386 10.30 -1.76 10.93
N LEU B 387 10.38 -2.79 10.12
CA LEU B 387 11.60 -3.06 9.34
C LEU B 387 11.61 -2.21 8.08
N GLN B 388 12.80 -1.73 7.70
CA GLN B 388 12.91 -0.85 6.56
C GLN B 388 14.19 -1.13 5.79
N ASP B 389 14.10 -1.08 4.45
CA ASP B 389 15.26 -1.13 3.53
C ASP B 389 15.09 0.06 2.61
N TYR B 390 15.43 1.23 3.15
CA TYR B 390 15.10 2.50 2.51
C TYR B 390 15.57 2.54 1.05
N ASP B 391 16.76 2.00 0.77
CA ASP B 391 17.34 2.06 -0.57
C ASP B 391 17.24 0.75 -1.33
N LYS B 392 16.49 -0.22 -0.82
CA LYS B 392 16.24 -1.50 -1.50
C LYS B 392 17.53 -2.14 -1.99
N ASP B 393 18.55 -2.22 -1.13
CA ASP B 393 19.76 -2.97 -1.48
C ASP B 393 19.84 -4.31 -0.77
N GLY B 394 18.79 -4.70 -0.05
CA GLY B 394 18.77 -5.97 0.64
C GLY B 394 19.24 -5.92 2.09
N LEU B 395 19.85 -4.84 2.53
CA LEU B 395 20.32 -4.70 3.91
C LEU B 395 19.37 -3.77 4.66
N LEU B 396 18.76 -4.28 5.72
CA LEU B 396 17.86 -3.44 6.50
C LEU B 396 18.55 -2.17 6.96
N ASP B 397 17.77 -1.09 7.08
CA ASP B 397 18.23 0.17 7.67
C ASP B 397 19.05 -0.07 8.92
N ARG B 398 18.48 -0.79 9.88
CA ARG B 398 19.18 -0.94 11.15
C ARG B 398 20.42 -1.83 11.02
N TYR B 399 20.39 -2.79 10.11
CA TYR B 399 21.59 -3.58 9.85
C TYR B 399 22.71 -2.72 9.27
N GLU B 400 22.39 -1.84 8.32
CA GLU B 400 23.41 -0.97 7.75
C GLU B 400 23.98 -0.03 8.80
N ARG B 401 23.12 0.49 9.69
CA ARG B 401 23.57 1.43 10.71
C ARG B 401 24.48 0.75 11.73
N GLN B 402 24.12 -0.45 12.18
CA GLN B 402 24.78 -1.08 13.32
C GLN B 402 25.90 -2.03 12.93
N LEU B 403 25.75 -2.76 11.82
CA LEU B 403 26.67 -3.83 11.46
C LEU B 403 27.60 -3.44 10.31
N SER B 404 27.06 -3.30 9.10
CA SER B 404 27.90 -3.10 7.93
C SER B 404 28.47 -1.69 7.85
N LEU B 405 27.84 -0.71 8.51
CA LEU B 405 28.17 0.71 8.47
C LEU B 405 28.00 1.34 7.09
N SER B 406 27.43 0.61 6.13
CA SER B 406 27.10 1.20 4.85
C SER B 406 26.00 2.24 5.03
N ASP B 407 25.79 3.04 3.98
CA ASP B 407 24.75 4.05 3.99
C ASP B 407 23.38 3.40 3.78
N ALA B 408 22.43 3.68 4.69
CA ALA B 408 21.08 3.15 4.59
C ALA B 408 20.21 3.82 3.53
N GLU B 409 20.63 4.98 3.00
CA GLU B 409 19.90 5.68 1.95
C GLU B 409 20.70 5.77 0.65
N ASN B 410 21.61 4.83 0.42
CA ASN B 410 22.32 4.74 -0.86
C ASN B 410 22.57 3.27 -1.14
N GLU B 411 22.02 2.75 -2.23
CA GLU B 411 22.18 1.34 -2.51
C GLU B 411 23.59 0.97 -2.95
N ASP B 412 24.43 1.96 -3.25
CA ASP B 412 25.81 1.70 -3.68
C ASP B 412 26.69 2.74 -2.97
N THR B 413 26.89 2.52 -1.67
CA THR B 413 27.58 3.49 -0.82
C THR B 413 28.92 3.85 -1.43
N ASP B 414 29.54 2.90 -2.13
CA ASP B 414 30.89 2.98 -2.66
C ASP B 414 31.01 3.71 -3.98
N GLY B 415 29.93 3.79 -4.73
CA GLY B 415 30.01 4.28 -6.09
C GLY B 415 30.60 3.28 -7.08
N ASP B 416 30.91 2.05 -6.66
CA ASP B 416 31.66 1.14 -7.53
C ASP B 416 30.76 0.27 -8.42
N GLY B 417 29.43 0.44 -8.38
CA GLY B 417 28.56 -0.33 -9.24
C GLY B 417 28.12 -1.66 -8.68
N LYS B 418 28.69 -2.10 -7.56
CA LYS B 418 28.20 -3.25 -6.82
C LYS B 418 27.37 -2.73 -5.65
N ASN B 419 26.10 -3.16 -5.57
CA ASN B 419 25.23 -2.66 -4.50
C ASN B 419 25.62 -3.28 -3.14
N ASP B 420 25.23 -2.59 -2.05
CA ASP B 420 25.74 -2.88 -0.71
C ASP B 420 25.46 -4.31 -0.28
N GLY B 421 24.21 -4.75 -0.37
CA GLY B 421 23.89 -6.13 -0.01
C GLY B 421 24.61 -7.15 -0.87
N ASP B 422 24.65 -6.93 -2.19
CA ASP B 422 25.42 -7.81 -3.07
C ASP B 422 26.87 -7.90 -2.61
N GLU B 423 27.47 -6.77 -2.25
CA GLU B 423 28.84 -6.79 -1.78
C GLU B 423 29.00 -7.62 -0.51
N VAL B 424 28.11 -7.41 0.47
CA VAL B 424 28.22 -8.16 1.72
C VAL B 424 28.00 -9.64 1.47
N VAL B 425 27.03 -9.98 0.63
CA VAL B 425 26.55 -11.34 0.51
C VAL B 425 27.16 -12.07 -0.69
N ASN B 426 27.25 -11.41 -1.83
CA ASN B 426 27.63 -12.11 -3.06
C ASN B 426 29.14 -11.98 -3.30
N TYR B 427 29.64 -10.76 -3.40
CA TYR B 427 31.06 -10.57 -3.69
C TYR B 427 31.95 -10.79 -2.48
N LYS B 428 31.39 -10.67 -1.28
CA LYS B 428 32.16 -10.70 -0.04
C LYS B 428 33.28 -9.68 -0.08
N THR B 429 32.95 -8.51 -0.60
CA THR B 429 33.85 -7.36 -0.62
C THR B 429 33.25 -6.26 0.23
N SER B 430 34.11 -5.38 0.69
CA SER B 430 33.62 -4.28 1.49
C SER B 430 32.73 -3.34 0.67
N PRO B 431 31.54 -3.02 1.16
CA PRO B 431 30.70 -2.01 0.53
C PRO B 431 31.16 -0.59 0.83
N LEU B 432 32.24 -0.46 1.59
CA LEU B 432 32.83 0.82 1.96
C LEU B 432 34.09 1.13 1.17
N VAL B 433 34.48 0.24 0.24
CA VAL B 433 35.74 0.35 -0.48
C VAL B 433 35.45 0.18 -1.97
N GLY B 434 35.60 1.26 -2.74
CA GLY B 434 35.40 1.19 -4.18
C GLY B 434 36.52 0.50 -4.94
N LYS B 435 36.60 0.78 -6.24
CA LYS B 435 37.53 0.09 -7.14
C LYS B 435 38.90 0.77 -7.11
N PRO B 436 39.96 0.03 -6.83
CA PRO B 436 41.28 0.66 -6.80
C PRO B 436 41.71 1.11 -8.20
N GLN B 437 42.54 2.16 -8.25
CA GLN B 437 43.07 2.69 -9.50
C GLN B 437 44.58 2.91 -9.36
N ALA B 438 45.34 2.50 -10.37
CA ALA B 438 46.79 2.64 -10.32
C ALA B 438 47.28 2.95 -11.73
N ALA B 439 48.10 3.98 -11.87
CA ALA B 439 48.73 4.31 -13.14
C ALA B 439 49.73 3.24 -13.54
N ASP B 440 49.81 2.99 -14.85
CA ASP B 440 50.84 2.12 -15.39
C ASP B 440 52.23 2.67 -15.02
N ILE B 441 53.18 1.76 -14.85
CA ILE B 441 54.58 2.12 -14.57
C ILE B 441 55.49 1.34 -15.53
N THR B 442 56.81 1.61 -15.46
CA THR B 442 57.77 0.88 -16.27
C THR B 442 58.55 -0.10 -15.40
N THR B 443 59.29 -0.98 -16.08
CA THR B 443 60.18 -1.95 -15.44
C THR B 443 61.30 -1.30 -14.64
N GLU B 444 61.52 0.02 -14.79
CA GLU B 444 62.51 0.75 -13.99
C GLU B 444 61.91 1.42 -12.76
N ASP B 445 60.59 1.46 -12.64
CA ASP B 445 59.94 2.10 -11.49
C ASP B 445 59.96 1.21 -10.25
N THR B 446 59.96 1.85 -9.07
CA THR B 446 60.02 1.12 -7.83
C THR B 446 58.81 1.36 -6.92
N VAL B 447 57.79 2.06 -7.41
CA VAL B 447 56.59 2.35 -6.63
C VAL B 447 55.37 2.24 -7.55
N VAL B 448 54.33 1.59 -7.07
CA VAL B 448 53.01 1.61 -7.68
C VAL B 448 52.17 2.61 -6.89
N SER B 449 51.79 3.71 -7.54
CA SER B 449 51.02 4.77 -6.91
C SER B 449 49.59 4.76 -7.43
N GLY B 450 48.66 5.02 -6.53
CA GLY B 450 47.27 5.13 -6.92
C GLY B 450 46.39 5.47 -5.73
N SER B 451 45.11 5.17 -5.87
CA SER B 451 44.13 5.53 -4.86
C SER B 451 42.95 4.57 -4.98
N VAL B 452 42.08 4.61 -3.98
CA VAL B 452 40.89 3.78 -3.98
C VAL B 452 39.85 4.53 -3.14
N PRO B 453 38.59 4.56 -3.56
CA PRO B 453 37.57 5.24 -2.76
C PRO B 453 37.36 4.52 -1.44
N LEU B 454 37.48 5.25 -0.33
CA LEU B 454 37.21 4.76 1.01
C LEU B 454 36.10 5.60 1.63
N LYS B 455 35.08 4.95 2.16
CA LYS B 455 33.93 5.60 2.76
C LYS B 455 34.06 5.61 4.29
N GLU B 456 33.23 6.42 4.96
CA GLU B 456 33.54 6.90 6.31
C GLU B 456 33.81 5.79 7.32
N GLY B 457 33.18 4.63 7.19
CA GLY B 457 33.41 3.56 8.14
C GLY B 457 34.47 2.56 7.75
N ALA B 458 35.15 2.76 6.62
CA ALA B 458 36.06 1.75 6.12
C ALA B 458 37.12 1.40 7.15
N ALA B 459 37.48 0.13 7.20
CA ALA B 459 38.59 -0.35 8.00
C ALA B 459 39.92 0.10 7.39
N THR B 460 41.01 -0.19 8.09
CA THR B 460 42.33 0.07 7.52
C THR B 460 42.65 -0.99 6.48
N GLN B 461 42.97 -0.55 5.26
CA GLN B 461 43.18 -1.44 4.14
C GLN B 461 44.67 -1.66 3.89
N THR B 462 44.98 -2.82 3.30
CA THR B 462 46.31 -3.13 2.81
C THR B 462 46.26 -3.31 1.30
N ALA B 463 47.12 -2.61 0.59
CA ALA B 463 47.23 -2.73 -0.85
C ALA B 463 48.35 -3.69 -1.20
N LYS B 464 48.09 -4.55 -2.18
CA LYS B 464 49.03 -5.58 -2.61
C LYS B 464 49.17 -5.50 -4.12
N VAL B 465 50.40 -5.60 -4.60
CA VAL B 465 50.70 -5.76 -6.02
C VAL B 465 51.03 -7.24 -6.25
N ILE B 466 50.30 -7.87 -7.14
CA ILE B 466 50.36 -9.31 -7.37
C ILE B 466 50.55 -9.53 -8.85
N ASN B 467 51.52 -10.38 -9.22
CA ASN B 467 51.74 -10.64 -10.64
C ASN B 467 50.68 -11.61 -11.17
N ALA B 468 50.73 -11.86 -12.48
CA ALA B 468 49.73 -12.68 -13.15
C ALA B 468 49.71 -14.13 -12.65
N GLU B 469 50.82 -14.61 -12.10
CA GLU B 469 50.91 -15.97 -11.58
C GLU B 469 50.49 -16.08 -10.12
N GLY B 470 49.96 -15.00 -9.53
CA GLY B 470 49.46 -15.01 -8.17
C GLY B 470 50.49 -14.70 -7.09
N THR B 471 51.65 -14.16 -7.46
CA THR B 471 52.71 -13.87 -6.50
C THR B 471 52.66 -12.40 -6.09
N THR B 472 52.54 -12.16 -4.79
CA THR B 472 52.60 -10.81 -4.24
C THR B 472 54.02 -10.27 -4.34
N VAL B 473 54.20 -9.12 -4.99
CA VAL B 473 55.53 -8.53 -5.12
C VAL B 473 55.71 -7.25 -4.30
N GLY B 474 54.63 -6.66 -3.79
CA GLY B 474 54.76 -5.56 -2.85
C GLY B 474 53.48 -5.37 -2.05
N THR B 475 53.62 -4.77 -0.87
CA THR B 475 52.47 -4.47 -0.02
C THR B 475 52.69 -3.13 0.69
N ALA B 476 51.58 -2.48 1.03
CA ALA B 476 51.62 -1.23 1.79
C ALA B 476 50.28 -1.01 2.47
N THR B 477 50.28 -0.10 3.44
CA THR B 477 49.05 0.34 4.08
C THR B 477 48.45 1.49 3.29
N VAL B 478 47.16 1.39 2.97
CA VAL B 478 46.48 2.50 2.31
C VAL B 478 46.30 3.63 3.30
N ASN B 479 46.69 4.84 2.88
CA ASN B 479 46.48 6.02 3.71
C ASN B 479 45.00 6.30 3.90
N SER B 480 44.68 7.13 4.89
CA SER B 480 43.28 7.33 5.22
C SER B 480 42.54 8.04 4.10
N ASP B 481 43.23 8.83 3.28
CA ASP B 481 42.59 9.51 2.16
C ASP B 481 42.41 8.61 0.92
N GLY B 482 42.73 7.32 1.02
CA GLY B 482 42.59 6.43 -0.10
C GLY B 482 43.85 6.24 -0.94
N THR B 483 44.82 7.14 -0.85
CA THR B 483 46.02 6.98 -1.67
C THR B 483 46.89 5.84 -1.13
N PHE B 484 47.73 5.31 -2.02
CA PHE B 484 48.69 4.28 -1.62
C PHE B 484 49.94 4.40 -2.48
N SER B 485 51.04 3.88 -1.92
CA SER B 485 52.37 3.89 -2.54
C SER B 485 53.01 2.57 -2.14
N VAL B 486 52.98 1.59 -3.05
CA VAL B 486 53.50 0.25 -2.79
C VAL B 486 54.90 0.15 -3.37
N SER B 487 55.88 -0.13 -2.53
CA SER B 487 57.25 -0.36 -2.98
C SER B 487 57.37 -1.73 -3.64
N ILE B 488 58.00 -1.76 -4.81
CA ILE B 488 58.22 -3.01 -5.55
C ILE B 488 59.64 -3.00 -6.12
N PRO B 489 60.17 -4.18 -6.47
CA PRO B 489 61.41 -4.21 -7.25
C PRO B 489 61.16 -3.70 -8.64
N ASN B 490 62.25 -3.38 -9.33
CA ASN B 490 62.17 -3.32 -10.77
C ASN B 490 61.64 -4.66 -11.24
N SER B 491 60.47 -4.65 -11.86
CA SER B 491 59.71 -5.87 -12.05
C SER B 491 59.55 -6.22 -13.53
N PRO B 492 59.30 -7.49 -13.85
CA PRO B 492 59.07 -7.87 -15.25
C PRO B 492 57.84 -7.18 -15.83
N GLU B 493 57.90 -6.93 -17.13
CA GLU B 493 56.74 -6.36 -17.81
C GLU B 493 55.57 -7.32 -17.69
N GLY B 494 54.37 -6.77 -17.72
CA GLY B 494 53.19 -7.60 -17.74
C GLY B 494 52.02 -6.93 -17.03
N THR B 495 50.93 -7.69 -16.94
CA THR B 495 49.72 -7.24 -16.26
C THR B 495 49.78 -7.63 -14.80
N TYR B 496 49.62 -6.64 -13.92
CA TYR B 496 49.62 -6.85 -12.48
C TYR B 496 48.27 -6.49 -11.91
N THR B 497 47.97 -7.06 -10.74
CA THR B 497 46.76 -6.73 -9.98
C THR B 497 47.14 -5.80 -8.84
N ILE B 498 46.34 -4.75 -8.65
CA ILE B 498 46.37 -3.96 -7.43
C ILE B 498 45.14 -4.38 -6.62
N ALA B 499 45.39 -5.00 -5.47
CA ALA B 499 44.34 -5.56 -4.62
C ALA B 499 44.31 -4.82 -3.30
N ILE B 500 43.10 -4.42 -2.88
CA ILE B 500 42.85 -3.70 -1.64
C ILE B 500 42.16 -4.67 -0.69
N ASP B 501 42.84 -4.99 0.41
CA ASP B 501 42.47 -6.05 1.33
C ASP B 501 41.90 -5.43 2.60
N SER B 502 40.63 -5.73 2.89
CA SER B 502 40.03 -5.30 4.14
C SER B 502 40.09 -6.45 5.15
N PRO B 503 40.32 -6.18 6.44
CA PRO B 503 40.30 -7.26 7.43
C PRO B 503 38.92 -7.82 7.72
N ASN B 504 37.86 -7.18 7.23
CA ASN B 504 36.50 -7.59 7.57
C ASN B 504 35.80 -8.34 6.46
N TYR B 505 36.44 -8.54 5.31
CA TYR B 505 35.80 -9.18 4.18
C TYR B 505 36.75 -10.19 3.56
N ASP B 506 36.17 -11.28 3.05
CA ASP B 506 37.00 -12.35 2.52
C ASP B 506 37.74 -11.95 1.24
N ASN B 507 37.15 -11.09 0.41
CA ASN B 507 37.72 -10.79 -0.91
C ASN B 507 38.19 -9.35 -1.01
N ASP B 508 39.21 -9.13 -1.84
CA ASP B 508 39.77 -7.81 -2.03
C ASP B 508 39.06 -7.10 -3.16
N GLU B 509 39.08 -5.77 -3.13
CA GLU B 509 38.74 -4.97 -4.29
C GLU B 509 39.95 -4.92 -5.22
N VAL B 510 39.75 -5.23 -6.50
CA VAL B 510 40.85 -5.43 -7.44
C VAL B 510 40.70 -4.55 -8.68
N ASN B 511 41.84 -4.24 -9.28
CA ASN B 511 41.94 -3.69 -10.64
C ASN B 511 43.27 -4.18 -11.21
N THR B 512 43.49 -3.98 -12.51
CA THR B 512 44.76 -4.31 -13.14
C THR B 512 45.44 -3.05 -13.66
N PHE B 513 46.77 -3.10 -13.70
CA PHE B 513 47.58 -2.06 -14.30
C PHE B 513 48.73 -2.75 -15.02
N GLU B 514 49.47 -1.98 -15.79
CA GLU B 514 50.56 -2.52 -16.58
C GLU B 514 51.92 -2.02 -16.08
N ILE B 515 52.87 -2.95 -16.00
CA ILE B 515 54.29 -2.63 -15.94
C ILE B 515 54.80 -2.82 -17.37
N VAL B 516 55.27 -1.73 -17.97
CA VAL B 516 55.60 -1.73 -19.40
C VAL B 516 57.11 -1.66 -19.57
N ASP B 517 57.56 -1.94 -20.80
CA ASP B 517 58.95 -1.74 -21.20
C ASP B 517 59.43 -0.35 -20.81
N ASN B 518 60.65 -0.25 -20.28
CA ASN B 518 61.11 1.05 -19.78
C ASN B 518 61.47 2.04 -20.89
N SER B 519 61.43 1.65 -22.17
CA SER B 519 61.54 2.66 -23.22
C SER B 519 60.20 3.31 -23.53
N LYS B 520 59.12 2.86 -22.90
CA LYS B 520 57.78 3.38 -23.14
C LYS B 520 57.42 4.48 -22.14
N LEU B 521 56.36 5.22 -22.47
CA LEU B 521 55.86 6.30 -21.61
C LEU B 521 54.36 6.13 -21.44
N PRO B 522 53.93 5.48 -20.36
CA PRO B 522 52.50 5.28 -20.14
C PRO B 522 51.79 6.58 -19.80
N ALA B 523 50.47 6.57 -20.00
CA ALA B 523 49.65 7.70 -19.60
C ALA B 523 49.71 7.86 -18.07
N PRO B 524 49.76 9.08 -17.55
CA PRO B 524 49.67 9.27 -16.11
C PRO B 524 48.23 9.11 -15.62
N SER B 525 47.99 9.37 -14.33
CA SER B 525 46.64 9.39 -13.77
C SER B 525 46.52 10.51 -12.75
N ILE B 526 45.28 10.92 -12.48
CA ILE B 526 44.98 11.96 -11.51
C ILE B 526 44.13 11.34 -10.40
N ASN B 527 44.51 11.61 -9.14
CA ASN B 527 43.71 11.16 -8.01
C ASN B 527 42.46 12.03 -7.89
N PRO B 528 41.39 11.50 -7.26
CA PRO B 528 40.17 12.30 -7.12
C PRO B 528 40.43 13.66 -6.48
N VAL B 529 39.68 14.66 -6.93
CA VAL B 529 39.83 16.06 -6.53
C VAL B 529 38.44 16.60 -6.18
N ASP B 530 38.31 17.26 -5.03
CA ASP B 530 37.07 17.94 -4.70
C ASP B 530 37.30 19.45 -4.63
N ASP B 531 36.19 20.19 -4.54
CA ASP B 531 36.22 21.65 -4.62
C ASP B 531 36.73 22.32 -3.34
N ASN B 532 37.31 21.55 -2.40
CA ASN B 532 38.04 22.10 -1.28
C ASN B 532 39.53 21.81 -1.33
N ASP B 533 39.97 20.98 -2.27
CA ASP B 533 41.37 20.58 -2.35
C ASP B 533 42.19 21.64 -3.07
N GLN B 534 43.28 22.06 -2.41
CA GLN B 534 44.25 22.98 -2.97
C GLN B 534 45.38 22.26 -3.70
N GLN B 535 45.27 20.94 -3.85
CA GLN B 535 46.34 20.14 -4.43
C GLN B 535 45.76 19.10 -5.37
N ILE B 536 46.47 18.84 -6.45
CA ILE B 536 46.11 17.81 -7.42
C ILE B 536 47.26 16.80 -7.43
N VAL B 537 47.03 15.61 -6.88
CA VAL B 537 48.02 14.55 -6.88
C VAL B 537 47.92 13.76 -8.17
N VAL B 538 49.06 13.55 -8.83
CA VAL B 538 49.13 12.80 -10.07
C VAL B 538 50.11 11.65 -9.90
N ASN B 539 49.89 10.58 -10.67
CA ASN B 539 50.74 9.40 -10.67
C ASN B 539 51.30 9.16 -12.07
N GLY B 540 52.55 8.73 -12.13
CA GLY B 540 53.20 8.51 -13.41
C GLY B 540 54.61 8.03 -13.21
N THR B 541 55.24 7.67 -14.33
CA THR B 541 56.57 7.09 -14.23
C THR B 541 57.58 8.11 -13.68
N SER B 542 58.58 7.60 -12.98
CA SER B 542 59.56 8.46 -12.35
C SER B 542 60.35 9.24 -13.39
N GLY B 543 60.61 10.53 -13.11
CA GLY B 543 61.32 11.40 -14.01
C GLY B 543 60.52 11.99 -15.14
N SER B 544 59.28 11.56 -15.35
CA SER B 544 58.41 12.20 -16.32
C SER B 544 57.80 13.46 -15.72
N THR B 545 57.46 14.40 -16.60
CA THR B 545 56.76 15.61 -16.18
C THR B 545 55.30 15.49 -16.60
N VAL B 546 54.40 15.68 -15.65
CA VAL B 546 52.96 15.54 -15.85
C VAL B 546 52.32 16.93 -15.85
N THR B 547 51.50 17.19 -16.86
CA THR B 547 50.80 18.46 -17.01
C THR B 547 49.31 18.23 -16.96
N VAL B 548 48.61 19.01 -16.15
CA VAL B 548 47.17 18.86 -15.94
C VAL B 548 46.44 20.03 -16.61
N THR B 549 45.44 19.70 -17.41
CA THR B 549 44.62 20.70 -18.09
C THR B 549 43.15 20.40 -17.85
N ASP B 550 42.31 21.43 -17.90
CA ASP B 550 40.87 21.25 -17.77
C ASP B 550 40.27 21.01 -19.16
N SER B 551 38.93 21.02 -19.23
CA SER B 551 38.25 20.79 -20.50
C SER B 551 38.54 21.87 -21.54
N ASN B 552 39.07 23.01 -21.13
CA ASN B 552 39.44 24.09 -22.04
C ASN B 552 40.95 24.18 -22.25
N ASN B 553 41.69 23.12 -21.92
CA ASN B 553 43.13 23.01 -22.12
C ASN B 553 43.93 24.05 -21.34
N ASN B 554 43.32 24.70 -20.36
CA ASN B 554 44.07 25.61 -19.49
C ASN B 554 45.03 24.83 -18.61
N VAL B 555 46.31 25.14 -18.68
CA VAL B 555 47.31 24.48 -17.84
C VAL B 555 47.13 24.93 -16.39
N LEU B 556 46.52 24.06 -15.57
CA LEU B 556 46.42 24.37 -14.15
C LEU B 556 47.72 24.10 -13.39
N GLY B 557 48.65 23.34 -13.98
CA GLY B 557 49.90 23.06 -13.31
C GLY B 557 50.72 21.95 -13.94
N THR B 558 52.01 21.93 -13.63
CA THR B 558 52.91 20.90 -14.11
C THR B 558 53.84 20.49 -12.97
N VAL B 559 54.22 19.22 -12.97
CA VAL B 559 55.16 18.73 -11.96
C VAL B 559 55.97 17.59 -12.57
N THR B 560 57.26 17.57 -12.26
CA THR B 560 58.12 16.45 -12.60
C THR B 560 58.08 15.46 -11.44
N ILE B 561 57.86 14.20 -11.76
CA ILE B 561 57.77 13.16 -10.73
C ILE B 561 59.18 12.80 -10.28
N PRO B 562 59.45 12.81 -8.96
CA PRO B 562 60.83 12.69 -8.48
C PRO B 562 61.40 11.29 -8.68
N ALA B 563 62.72 11.21 -8.47
CA ALA B 563 63.54 10.15 -9.04
C ALA B 563 63.17 8.75 -8.53
N ASP B 564 62.67 8.65 -7.30
CA ASP B 564 62.45 7.34 -6.70
C ASP B 564 61.00 7.21 -6.24
N ASP B 565 60.07 7.80 -6.99
CA ASP B 565 58.65 7.76 -6.67
C ASP B 565 57.86 7.75 -7.96
N THR B 566 56.54 7.52 -7.85
CA THR B 566 55.69 7.56 -9.02
C THR B 566 54.42 8.37 -8.77
N SER B 567 54.48 9.33 -7.84
CA SER B 567 53.37 10.26 -7.65
C SER B 567 53.94 11.60 -7.22
N ALA B 568 53.27 12.67 -7.65
CA ALA B 568 53.68 14.03 -7.32
C ALA B 568 52.43 14.90 -7.25
N ALA B 569 52.63 16.16 -6.81
CA ALA B 569 51.54 17.08 -6.56
C ALA B 569 51.73 18.37 -7.35
N ILE B 570 50.62 18.94 -7.82
CA ILE B 570 50.59 20.29 -8.36
C ILE B 570 49.77 21.14 -7.40
N ASN B 571 50.22 22.36 -7.15
CA ASN B 571 49.57 23.26 -6.21
C ASN B 571 48.81 24.33 -6.97
N VAL B 572 47.61 24.65 -6.49
CA VAL B 572 46.76 25.66 -7.10
C VAL B 572 46.22 26.60 -6.03
N THR B 574 43.71 28.45 -5.50
CA THR B 574 42.27 28.40 -5.35
C THR B 574 41.72 27.05 -5.81
N PRO B 575 40.82 26.45 -5.03
CA PRO B 575 40.24 25.16 -5.43
C PRO B 575 39.45 25.28 -6.72
N LEU B 576 39.15 24.13 -7.31
CA LEU B 576 38.44 24.07 -8.57
C LEU B 576 36.94 23.93 -8.31
N GLU B 577 36.15 24.45 -9.24
CA GLU B 577 34.70 24.35 -9.12
C GLU B 577 34.24 22.92 -9.40
N ALA B 578 33.30 22.44 -8.58
CA ALA B 578 32.72 21.12 -8.78
C ALA B 578 32.16 21.00 -10.19
N GLY B 579 32.57 19.95 -10.89
CA GLY B 579 32.13 19.68 -12.24
C GLY B 579 33.21 19.91 -13.29
N THR B 580 34.29 20.59 -12.94
CA THR B 580 35.39 20.76 -13.89
C THR B 580 36.07 19.43 -14.15
N VAL B 581 36.40 19.18 -15.41
CA VAL B 581 36.97 17.91 -15.85
C VAL B 581 38.46 18.08 -16.06
N LEU B 582 39.25 17.13 -15.56
CA LEU B 582 40.70 17.20 -15.59
C LEU B 582 41.27 16.06 -16.42
N THR B 583 42.25 16.37 -17.25
CA THR B 583 43.01 15.36 -17.95
C THR B 583 44.49 15.68 -17.82
N SER B 584 45.34 14.73 -18.22
CA SER B 584 46.76 14.95 -18.10
C SER B 584 47.51 14.17 -19.18
N THR B 585 48.70 14.65 -19.48
CA THR B 585 49.65 13.91 -20.29
C THR B 585 51.01 14.00 -19.62
N ALA B 586 51.86 13.03 -19.93
CA ALA B 586 53.21 12.98 -19.41
C ALA B 586 54.20 13.05 -20.56
N SER B 587 55.38 13.60 -20.28
CA SER B 587 56.43 13.64 -21.29
C SER B 587 57.77 13.32 -20.61
N LYS B 588 58.66 12.71 -21.40
CA LYS B 588 59.97 12.27 -20.93
C LYS B 588 60.81 11.83 -22.11
N ASP B 589 62.04 12.36 -22.23
CA ASP B 589 63.00 11.90 -23.24
C ASP B 589 62.46 12.02 -24.66
N GLY B 590 61.72 13.10 -24.92
CA GLY B 590 61.15 13.35 -26.22
C GLY B 590 59.86 12.61 -26.54
N LYS B 591 59.38 11.78 -25.63
CA LYS B 591 58.11 11.10 -25.81
C LYS B 591 56.99 11.89 -25.15
N THR B 592 55.78 11.72 -25.68
CA THR B 592 54.58 12.30 -25.09
C THR B 592 53.56 11.18 -24.91
N SER B 593 53.05 11.02 -23.68
CA SER B 593 52.11 9.97 -23.38
C SER B 593 50.74 10.26 -23.99
N ASP B 594 49.93 9.21 -24.03
CA ASP B 594 48.49 9.38 -24.25
C ASP B 594 47.86 10.16 -23.09
N VAL B 595 46.64 10.63 -23.32
CA VAL B 595 45.90 11.37 -22.30
C VAL B 595 45.44 10.42 -21.21
N SER B 596 45.48 10.90 -19.97
CA SER B 596 44.98 10.12 -18.86
C SER B 596 43.45 10.01 -18.93
N ASP B 597 42.91 9.07 -18.16
CA ASP B 597 41.48 9.07 -17.91
C ASP B 597 41.08 10.41 -17.31
N GLN B 598 39.92 10.91 -17.72
CA GLN B 598 39.45 12.18 -17.20
C GLN B 598 38.99 12.02 -15.76
N ILE B 599 39.09 13.11 -14.99
CA ILE B 599 38.67 13.14 -13.60
C ILE B 599 37.77 14.36 -13.40
N THR B 600 36.60 14.15 -12.80
CA THR B 600 35.67 15.24 -12.55
C THR B 600 35.75 15.67 -11.09
N VAL B 601 35.91 16.97 -10.87
CA VAL B 601 35.93 17.50 -9.51
C VAL B 601 34.54 17.38 -8.89
N THR B 602 34.49 16.91 -7.65
CA THR B 602 33.24 16.67 -6.94
C THR B 602 33.05 17.67 -5.81
N ASP B 603 31.87 17.61 -5.21
CA ASP B 603 31.51 18.49 -4.10
C ASP B 603 32.10 17.95 -2.80
N ALA B 604 32.91 18.78 -2.13
CA ALA B 604 33.73 18.35 -1.00
C ALA B 604 32.93 17.91 0.22
N THR B 605 31.60 18.08 0.23
CA THR B 605 30.80 17.59 1.34
C THR B 605 29.72 16.62 0.88
N ALA B 606 29.80 16.11 -0.35
CA ALA B 606 28.97 15.00 -0.79
C ALA B 606 29.71 13.69 -0.51
N PRO B 607 29.06 12.70 0.13
CA PRO B 607 29.68 11.42 0.48
C PRO B 607 29.91 10.51 -0.72
CA CA C . 0.16 -1.05 -8.87
CA CA D . -19.16 -2.55 -2.39
CA CA E . -22.71 -0.83 -1.41
CA CA F . -29.30 -1.94 4.19
CA CA G . -32.80 -3.75 3.26
CA CA H . -0.03 0.34 8.98
CA CA I . 19.38 -0.94 2.72
CA CA J . 22.84 0.90 1.47
CA CA K . 29.52 -0.71 -3.96
CA CA L . 33.09 -2.11 -2.71
#